data_5N0L
#
_entry.id   5N0L
#
_cell.length_a   120.890
_cell.length_b   190.390
_cell.length_c   43.510
_cell.angle_alpha   90.00
_cell.angle_beta   90.00
_cell.angle_gamma   90.00
#
_symmetry.space_group_name_H-M   'P 21 21 2'
#
loop_
_entity.id
_entity.type
_entity.pdbx_description
1 polymer 'GTP-sensing transcriptional pleiotropic repressor CodY'
2 non-polymer ISOLEUCINE
3 water water
#
_entity_poly.entity_id   1
_entity_poly.type   'polypeptide(L)'
_entity_poly.pdbx_seq_one_letter_code
;GPAMASEVLQKTRKINKTLQTSGGSSVSFDLLAGALGDVLSSNVYVVSAKGKVLGLHLNDVQDSSVIEDEYTKQKKFSDE
YTQNVLKIDETLENLNGEKILEIFPEEHGRLQKYTTVVPILGSGQRLGTLVLSRYSNSFNDDDLVIAEYSATVVGLEIL
;
_entity_poly.pdbx_strand_id   A,B,C,D,E,F
#
# COMPACT_ATOMS: atom_id res chain seq x y z
N MET A 4 20.47 -36.92 -1.34
CA MET A 4 20.63 -35.44 -1.60
C MET A 4 19.51 -34.94 -2.52
N ALA A 5 18.99 -33.75 -2.29
CA ALA A 5 18.05 -33.19 -3.23
C ALA A 5 18.65 -33.00 -4.62
N SER A 6 17.77 -33.11 -5.63
CA SER A 6 18.14 -32.94 -7.01
C SER A 6 18.70 -31.47 -7.16
N GLU A 7 19.47 -31.29 -8.20
CA GLU A 7 20.02 -29.97 -8.53
C GLU A 7 18.96 -28.93 -8.71
N VAL A 8 17.91 -29.25 -9.47
CA VAL A 8 16.80 -28.23 -9.66
C VAL A 8 16.16 -27.85 -8.31
N LEU A 9 15.97 -28.83 -7.42
CA LEU A 9 15.43 -28.51 -6.12
C LEU A 9 16.41 -27.62 -5.30
N GLN A 10 17.70 -27.91 -5.37
CA GLN A 10 18.69 -27.14 -4.54
C GLN A 10 18.74 -25.71 -5.05
N LYS A 11 18.67 -25.57 -6.36
CA LYS A 11 18.71 -24.17 -6.99
C LYS A 11 17.43 -23.42 -6.71
N THR A 12 16.26 -24.05 -6.80
CA THR A 12 15.00 -23.49 -6.38
C THR A 12 15.07 -23.06 -4.94
N ARG A 13 15.69 -23.87 -4.08
CA ARG A 13 15.74 -23.56 -2.64
C ARG A 13 16.60 -22.27 -2.43
N LYS A 14 17.66 -22.10 -3.21
CA LYS A 14 18.49 -20.88 -3.16
C LYS A 14 17.71 -19.70 -3.58
N ILE A 15 17.07 -19.78 -4.71
CA ILE A 15 16.21 -18.70 -5.18
C ILE A 15 15.18 -18.34 -4.11
N ASN A 16 14.49 -19.34 -3.52
CA ASN A 16 13.43 -19.09 -2.59
C ASN A 16 13.96 -18.44 -1.33
N LYS A 17 15.19 -18.75 -0.96
CA LYS A 17 15.79 -18.11 0.26
C LYS A 17 15.94 -16.64 -0.02
N THR A 18 16.36 -16.31 -1.23
CA THR A 18 16.47 -14.91 -1.63
C THR A 18 15.11 -14.22 -1.61
N LEU A 19 14.10 -14.89 -2.15
CA LEU A 19 12.72 -14.36 -2.18
C LEU A 19 12.04 -14.26 -0.84
N GLN A 20 12.00 -15.39 -0.13
CA GLN A 20 11.36 -15.47 1.19
C GLN A 20 11.90 -14.42 2.10
N THR A 21 13.11 -14.02 1.81
CA THR A 21 13.84 -13.02 2.52
C THR A 21 13.35 -11.67 2.19
N SER A 22 13.70 -11.14 0.86
N SER A 22 13.51 -11.20 0.80
CA SER A 22 13.47 -9.80 0.45
CA SER A 22 13.02 -9.96 0.24
C SER A 22 12.39 -9.50 -0.51
C SER A 22 11.94 -10.20 -0.79
N GLY A 23 11.99 -10.55 -1.20
N GLY A 23 12.37 -10.46 -2.04
CA GLY A 23 11.06 -10.49 -2.30
CA GLY A 23 11.57 -10.67 -3.27
C GLY A 23 11.89 -10.71 -3.57
C GLY A 23 10.30 -9.91 -3.68
N GLY A 24 13.20 -10.63 -3.42
N GLY A 24 10.33 -9.12 -4.76
CA GLY A 24 14.12 -10.52 -4.55
CA GLY A 24 11.49 -8.48 -5.31
C GLY A 24 14.28 -9.02 -5.00
C GLY A 24 11.53 -7.05 -4.78
N SER A 25 13.41 -8.22 -4.36
N SER A 25 11.71 -7.03 -3.52
CA SER A 25 13.07 -6.84 -4.54
CA SER A 25 11.79 -5.84 -2.84
C SER A 25 13.60 -5.96 -3.45
C SER A 25 13.20 -5.59 -2.76
N SER A 26 13.91 -4.75 -3.84
N SER A 26 13.52 -4.53 -3.43
CA SER A 26 14.40 -3.80 -2.90
CA SER A 26 14.72 -3.86 -3.16
C SER A 26 14.21 -2.40 -3.46
C SER A 26 14.30 -2.42 -3.58
N VAL A 27 14.35 -1.55 -2.73
CA VAL A 27 14.22 -0.13 -3.17
C VAL A 27 15.60 0.46 -3.29
N SER A 28 15.86 1.10 -4.42
CA SER A 28 17.12 1.73 -4.72
C SER A 28 16.96 3.25 -4.67
N PHE A 29 17.98 3.89 -4.13
CA PHE A 29 18.10 5.32 -4.05
C PHE A 29 19.27 5.72 -4.93
N ASP A 30 19.54 4.95 -5.97
CA ASP A 30 20.62 5.30 -6.89
C ASP A 30 20.36 6.66 -7.60
N LEU A 31 19.12 6.97 -7.93
CA LEU A 31 18.79 8.21 -8.67
C LEU A 31 19.02 9.40 -7.73
N LEU A 32 18.62 9.28 -6.51
CA LEU A 32 18.90 10.46 -5.56
C LEU A 32 20.37 10.52 -5.30
N ALA A 33 21.06 9.37 -5.07
CA ALA A 33 22.48 9.44 -4.81
C ALA A 33 23.24 10.10 -5.98
N GLY A 34 22.87 9.77 -7.24
CA GLY A 34 23.47 10.35 -8.44
C GLY A 34 23.25 11.88 -8.42
N ALA A 35 22.04 12.27 -8.11
CA ALA A 35 21.69 13.77 -8.10
C ALA A 35 22.57 14.48 -7.04
N LEU A 36 22.61 13.94 -5.87
CA LEU A 36 23.50 14.45 -4.78
C LEU A 36 24.93 14.40 -5.13
N GLY A 37 25.44 13.28 -5.71
CA GLY A 37 26.94 13.19 -5.94
C GLY A 37 27.27 14.18 -7.13
N ASP A 38 26.32 14.50 -8.00
CA ASP A 38 26.51 15.50 -9.08
C ASP A 38 26.56 16.89 -8.41
N VAL A 39 25.59 17.22 -7.58
CA VAL A 39 25.51 18.72 -7.09
C VAL A 39 26.70 18.85 -6.15
N LEU A 40 27.13 17.83 -5.23
CA LEU A 40 28.12 17.96 -4.35
C LEU A 40 29.47 17.43 -4.76
N SER A 41 29.62 16.93 -6.05
CA SER A 41 30.89 16.37 -6.56
C SER A 41 31.42 15.39 -5.55
N SER A 42 30.57 14.44 -5.11
CA SER A 42 30.95 13.64 -3.97
C SER A 42 30.67 12.13 -4.24
N ASN A 43 31.38 11.30 -3.51
CA ASN A 43 30.83 9.86 -3.29
C ASN A 43 29.70 9.96 -2.33
N VAL A 44 28.58 9.32 -2.64
CA VAL A 44 27.40 9.30 -1.84
C VAL A 44 26.99 7.80 -1.59
N TYR A 45 26.80 7.53 -0.35
CA TYR A 45 26.24 6.21 0.09
C TYR A 45 25.00 6.38 0.89
N VAL A 46 23.91 5.71 0.46
CA VAL A 46 22.70 5.65 1.24
C VAL A 46 22.72 4.24 1.85
N VAL A 47 22.79 4.17 3.16
CA VAL A 47 23.10 2.92 3.83
C VAL A 47 22.01 2.62 4.85
N SER A 48 21.36 1.42 4.81
CA SER A 48 20.36 1.10 5.78
C SER A 48 21.02 0.93 7.18
N ALA A 49 20.20 0.91 8.23
CA ALA A 49 20.70 0.77 9.61
C ALA A 49 21.52 -0.52 9.74
N LYS A 50 21.05 -1.56 9.02
CA LYS A 50 21.83 -2.86 8.97
C LYS A 50 23.00 -2.97 8.01
N GLY A 51 23.41 -1.83 7.42
CA GLY A 51 24.55 -1.82 6.64
C GLY A 51 24.39 -1.98 5.16
N LYS A 52 23.19 -2.14 4.64
CA LYS A 52 23.08 -2.45 3.21
C LYS A 52 23.15 -1.16 2.40
N VAL A 53 23.89 -1.15 1.31
CA VAL A 53 23.96 0.00 0.40
C VAL A 53 22.73 0.04 -0.52
N LEU A 54 21.80 0.98 -0.26
CA LEU A 54 20.60 1.15 -0.98
C LEU A 54 20.72 2.10 -2.15
N GLY A 55 21.72 3.00 -2.04
CA GLY A 55 21.92 4.00 -3.10
C GLY A 55 23.40 4.34 -3.11
N LEU A 56 23.95 4.49 -4.28
CA LEU A 56 25.38 4.68 -4.45
C LEU A 56 25.65 5.54 -5.61
N HIS A 57 26.57 6.53 -5.42
CA HIS A 57 27.19 7.24 -6.51
C HIS A 57 28.66 7.44 -6.22
N LEU A 58 29.49 7.19 -7.20
CA LEU A 58 30.99 7.30 -6.99
C LEU A 58 31.61 8.33 -7.91
N ASN A 59 31.93 9.49 -7.34
CA ASN A 59 32.75 10.47 -8.03
C ASN A 59 34.22 10.02 -8.13
N ASP A 60 34.70 9.28 -7.12
CA ASP A 60 36.04 8.79 -7.02
C ASP A 60 35.94 7.23 -6.81
N VAL A 61 35.89 6.53 -7.92
CA VAL A 61 35.58 5.04 -7.89
C VAL A 61 36.55 4.22 -7.02
N GLN A 62 37.82 4.62 -7.01
CA GLN A 62 38.85 3.91 -6.27
C GLN A 62 38.68 3.94 -4.78
N ASP A 63 37.97 4.94 -4.25
CA ASP A 63 37.74 5.08 -2.83
C ASP A 63 36.49 4.44 -2.27
N SER A 64 35.79 3.58 -3.07
CA SER A 64 34.54 2.97 -2.60
C SER A 64 34.79 2.10 -1.40
N SER A 65 33.97 2.21 -0.40
CA SER A 65 34.02 1.30 0.77
C SER A 65 32.97 0.16 0.66
N VAL A 66 32.30 0.09 -0.46
CA VAL A 66 31.25 -0.93 -0.69
C VAL A 66 31.97 -2.26 -0.82
N ILE A 67 31.37 -3.23 -0.14
CA ILE A 67 31.85 -4.62 -0.30
C ILE A 67 30.71 -5.44 -0.71
N GLU A 68 31.01 -6.57 -1.37
CA GLU A 68 30.00 -7.47 -1.88
C GLU A 68 29.95 -8.58 -0.89
N ASP A 69 28.77 -8.94 -0.46
CA ASP A 69 28.67 -10.05 0.49
C ASP A 69 29.23 -11.37 -0.20
N GLU A 70 30.14 -12.04 0.52
CA GLU A 70 30.86 -13.27 0.12
C GLU A 70 29.89 -14.27 -0.49
N TYR A 71 28.70 -14.40 0.13
CA TYR A 71 27.69 -15.39 -0.30
C TYR A 71 26.71 -14.79 -1.28
N THR A 72 25.96 -13.81 -0.84
CA THR A 72 24.95 -13.17 -1.74
C THR A 72 25.54 -12.21 -2.81
N LYS A 73 26.71 -11.63 -2.54
CA LYS A 73 27.20 -10.51 -3.39
C LYS A 73 26.43 -9.20 -3.18
N GLN A 74 25.55 -9.13 -2.17
CA GLN A 74 24.82 -7.92 -1.92
C GLN A 74 25.78 -6.80 -1.45
N LYS A 75 25.46 -5.58 -1.86
CA LYS A 75 26.33 -4.47 -1.53
C LYS A 75 26.06 -3.95 -0.12
N LYS A 76 27.12 -3.82 0.64
CA LYS A 76 27.02 -3.44 2.06
C LYS A 76 28.29 -2.69 2.50
N PHE A 77 28.17 -2.07 3.68
CA PHE A 77 29.35 -1.69 4.48
C PHE A 77 29.79 -2.87 5.36
N SER A 78 31.04 -2.85 5.70
CA SER A 78 31.63 -3.84 6.63
C SER A 78 30.89 -3.70 7.94
N ASP A 79 30.89 -4.71 8.75
CA ASP A 79 30.27 -4.63 10.02
C ASP A 79 30.83 -3.46 10.88
N GLU A 80 32.13 -3.24 10.86
CA GLU A 80 32.75 -2.15 11.65
C GLU A 80 32.19 -0.80 11.19
N TYR A 81 32.11 -0.60 9.88
CA TYR A 81 31.56 0.70 9.37
C TYR A 81 30.09 0.82 9.68
N THR A 82 29.33 -0.28 9.56
CA THR A 82 27.97 -0.30 9.87
C THR A 82 27.68 0.10 11.29
N GLN A 83 28.40 -0.50 12.27
CA GLN A 83 28.33 -0.22 13.73
C GLN A 83 28.73 1.23 14.04
N ASN A 84 29.78 1.62 13.38
CA ASN A 84 30.34 2.94 13.71
C ASN A 84 29.45 4.08 13.26
N VAL A 85 28.81 3.99 12.11
CA VAL A 85 27.92 5.12 11.70
C VAL A 85 26.72 5.31 12.63
N LEU A 86 26.26 4.23 13.33
CA LEU A 86 25.15 4.32 14.17
C LEU A 86 25.50 4.98 15.54
N LYS A 87 26.79 5.18 15.80
CA LYS A 87 27.28 5.89 17.00
C LYS A 87 27.12 7.41 16.82
N ILE A 88 26.85 7.84 15.61
CA ILE A 88 26.65 9.29 15.26
C ILE A 88 25.14 9.57 15.34
N ASP A 89 24.69 10.43 16.27
CA ASP A 89 23.23 10.71 16.40
C ASP A 89 22.74 12.03 15.80
N GLU A 90 23.66 12.88 15.41
CA GLU A 90 23.40 14.15 14.71
C GLU A 90 24.39 14.28 13.58
N THR A 91 24.08 15.12 12.58
CA THR A 91 25.01 15.34 11.54
C THR A 91 26.42 15.55 12.04
N LEU A 92 27.33 14.79 11.46
CA LEU A 92 28.75 14.93 11.66
C LEU A 92 29.35 15.51 10.42
N GLU A 93 29.79 16.80 10.50
CA GLU A 93 30.28 17.42 9.26
C GLU A 93 31.73 17.53 9.19
N ASN A 94 32.26 17.34 7.98
CA ASN A 94 33.66 17.55 7.69
C ASN A 94 34.62 16.80 8.52
N LEU A 95 34.32 15.50 8.74
CA LEU A 95 35.24 14.64 9.30
C LEU A 95 36.44 14.58 8.30
N ASN A 96 37.65 14.78 8.84
CA ASN A 96 38.94 14.97 8.13
C ASN A 96 40.03 14.80 9.29
N GLY A 97 41.33 14.65 9.16
CA GLY A 97 41.98 13.87 8.33
C GLY A 97 42.10 12.62 9.28
N GLU A 98 42.97 12.57 10.31
CA GLU A 98 43.08 11.33 11.16
C GLU A 98 41.86 11.02 12.00
N LYS A 99 41.08 12.04 12.38
CA LYS A 99 39.82 11.72 13.04
C LYS A 99 38.90 10.78 12.20
N ILE A 100 39.00 10.78 10.85
CA ILE A 100 38.19 9.91 10.00
C ILE A 100 38.28 8.49 10.55
N LEU A 101 39.45 8.11 10.99
CA LEU A 101 39.72 6.73 11.43
C LEU A 101 38.98 6.23 12.66
N GLU A 102 38.53 7.15 13.52
CA GLU A 102 37.74 6.79 14.67
C GLU A 102 36.41 6.13 14.22
N ILE A 103 35.85 6.60 13.09
CA ILE A 103 34.62 6.06 12.51
C ILE A 103 34.84 5.07 11.36
N PHE A 104 35.79 5.34 10.50
CA PHE A 104 36.01 4.56 9.28
C PHE A 104 37.46 4.12 9.32
N PRO A 105 37.72 2.94 9.98
CA PRO A 105 39.13 2.67 10.26
C PRO A 105 40.04 2.26 9.12
N GLU A 106 39.48 2.01 7.94
CA GLU A 106 40.23 1.56 6.81
C GLU A 106 40.54 2.66 5.82
N GLU A 107 40.53 3.89 6.29
CA GLU A 107 40.67 4.94 5.34
C GLU A 107 42.08 5.47 5.17
N HIS A 108 43.10 4.68 5.47
CA HIS A 108 44.49 5.20 5.61
C HIS A 108 45.15 5.94 4.39
N GLY A 109 44.75 5.63 3.14
CA GLY A 109 45.22 6.54 2.02
C GLY A 109 44.29 7.73 1.66
N ARG A 110 43.24 7.98 2.45
CA ARG A 110 42.14 8.86 2.00
C ARG A 110 41.84 9.86 3.11
N LEU A 111 42.88 10.28 3.84
CA LEU A 111 42.66 11.05 5.08
C LEU A 111 42.52 12.49 4.76
N GLN A 112 42.85 12.88 3.52
CA GLN A 112 42.68 14.31 3.03
C GLN A 112 41.24 14.62 2.61
N LYS A 113 40.36 13.66 2.63
CA LYS A 113 38.99 13.88 2.26
C LYS A 113 38.15 14.49 3.39
N TYR A 114 37.07 15.13 2.98
CA TYR A 114 36.06 15.62 3.89
C TYR A 114 34.89 14.71 3.77
N THR A 115 34.44 14.22 4.89
CA THR A 115 33.28 13.32 4.94
C THR A 115 32.20 13.83 5.91
N THR A 116 30.98 13.89 5.42
CA THR A 116 29.84 14.22 6.19
C THR A 116 28.90 13.00 6.36
N VAL A 117 28.46 12.81 7.56
CA VAL A 117 27.59 11.65 7.94
C VAL A 117 26.29 12.14 8.55
N VAL A 118 25.23 11.83 7.83
CA VAL A 118 23.90 12.31 8.16
C VAL A 118 22.99 11.16 8.53
N PRO A 119 22.49 11.17 9.79
CA PRO A 119 21.49 10.13 10.14
C PRO A 119 20.24 10.22 9.29
N ILE A 120 19.68 9.07 8.91
CA ILE A 120 18.42 9.02 8.21
C ILE A 120 17.39 8.53 9.21
N LEU A 121 16.40 9.36 9.47
CA LEU A 121 15.42 9.16 10.48
C LEU A 121 14.05 9.23 9.80
N GLY A 122 13.13 8.41 10.31
CA GLY A 122 11.83 8.32 9.75
C GLY A 122 10.99 7.78 10.85
N SER A 123 9.86 8.44 11.12
CA SER A 123 8.96 8.13 12.22
C SER A 123 9.70 7.78 13.51
N GLY A 124 10.46 8.79 13.96
CA GLY A 124 11.35 8.68 15.15
C GLY A 124 12.37 7.55 15.30
N GLN A 125 12.66 6.83 14.21
CA GLN A 125 13.56 5.66 14.24
C GLN A 125 14.78 5.97 13.37
N ARG A 126 15.93 5.45 13.76
CA ARG A 126 17.13 5.54 12.94
C ARG A 126 17.07 4.36 11.88
N LEU A 127 16.80 4.75 10.65
CA LEU A 127 16.61 3.85 9.51
C LEU A 127 17.81 3.60 8.67
N GLY A 128 18.80 4.50 8.76
CA GLY A 128 19.96 4.37 7.95
C GLY A 128 20.86 5.64 8.07
N THR A 129 21.77 5.77 7.15
CA THR A 129 22.80 6.83 7.14
C THR A 129 23.12 7.25 5.75
N LEU A 130 23.27 8.57 5.56
CA LEU A 130 23.70 9.13 4.32
C LEU A 130 25.16 9.57 4.57
N VAL A 131 26.07 9.11 3.75
CA VAL A 131 27.51 9.38 3.82
C VAL A 131 27.97 10.04 2.53
N LEU A 132 28.60 11.24 2.67
CA LEU A 132 28.99 12.03 1.56
C LEU A 132 30.45 12.35 1.74
N SER A 133 31.23 12.20 0.67
CA SER A 133 32.67 12.35 0.78
C SER A 133 33.33 12.89 -0.44
N ARG A 134 34.29 13.85 -0.29
CA ARG A 134 34.92 14.45 -1.43
C ARG A 134 36.29 15.04 -1.03
N TYR A 135 37.10 15.25 -2.01
CA TYR A 135 38.43 15.82 -1.85
C TYR A 135 38.24 17.38 -1.90
N SER A 136 39.25 17.99 -1.34
CA SER A 136 39.61 19.47 -1.66
CA SER A 136 39.58 19.47 -1.67
C SER A 136 38.72 20.47 -0.91
N ASN A 137 37.43 20.38 -1.00
CA ASN A 137 36.45 21.32 -0.39
C ASN A 137 35.70 20.80 0.77
N SER A 138 35.76 21.50 1.90
CA SER A 138 34.86 21.24 2.97
C SER A 138 33.42 21.53 2.59
N PHE A 139 32.47 20.89 3.27
CA PHE A 139 31.06 21.12 3.10
C PHE A 139 30.69 22.36 3.87
N ASN A 140 29.77 23.12 3.34
CA ASN A 140 29.30 24.34 4.06
C ASN A 140 27.86 24.13 4.47
N ASP A 141 27.21 25.06 5.10
CA ASP A 141 25.87 24.90 5.61
C ASP A 141 24.83 24.70 4.52
N ASP A 142 25.05 25.29 3.32
CA ASP A 142 24.19 25.13 2.17
C ASP A 142 24.24 23.61 1.77
N ASP A 143 25.42 23.12 1.76
CA ASP A 143 25.61 21.61 1.42
C ASP A 143 24.85 20.76 2.42
N LEU A 144 24.91 21.12 3.67
CA LEU A 144 24.17 20.46 4.74
C LEU A 144 22.68 20.54 4.62
N VAL A 145 22.14 21.71 4.14
CA VAL A 145 20.76 21.83 3.89
C VAL A 145 20.37 20.68 2.92
N ILE A 146 21.08 20.63 1.84
CA ILE A 146 20.73 19.70 0.70
C ILE A 146 20.84 18.26 1.27
N ALA A 147 21.90 18.03 1.95
CA ALA A 147 22.11 16.63 2.55
C ALA A 147 21.09 16.26 3.53
N GLU A 148 20.70 17.14 4.43
CA GLU A 148 19.77 16.85 5.42
C GLU A 148 18.35 16.68 4.94
N TYR A 149 17.90 17.53 3.99
CA TYR A 149 16.63 17.35 3.50
C TYR A 149 16.61 16.03 2.63
N SER A 150 17.66 15.77 1.91
CA SER A 150 17.73 14.51 1.09
C SER A 150 17.69 13.29 1.98
N ALA A 151 18.37 13.31 3.09
CA ALA A 151 18.26 12.22 4.12
C ALA A 151 16.90 12.06 4.69
N THR A 152 16.21 13.18 5.00
CA THR A 152 14.87 13.13 5.45
C THR A 152 13.93 12.51 4.39
N VAL A 153 14.12 12.86 3.13
CA VAL A 153 13.29 12.28 2.08
C VAL A 153 13.53 10.71 1.98
N VAL A 154 14.76 10.32 2.07
CA VAL A 154 15.04 8.81 2.15
C VAL A 154 14.27 8.17 3.30
N GLY A 155 14.31 8.82 4.50
CA GLY A 155 13.50 8.41 5.64
C GLY A 155 12.00 8.23 5.42
N LEU A 156 11.41 9.13 4.64
CA LEU A 156 10.04 9.12 4.30
C LEU A 156 9.70 8.00 3.36
N GLU A 157 10.69 7.62 2.58
CA GLU A 157 10.49 6.65 1.49
CA GLU A 157 10.51 6.65 1.48
C GLU A 157 10.82 5.23 1.92
N ILE A 158 11.58 5.08 2.99
CA ILE A 158 11.83 3.74 3.54
C ILE A 158 10.76 3.32 4.55
N LEU A 159 10.44 4.32 5.41
CA LEU A 159 9.58 4.33 6.62
C LEU A 159 8.37 3.43 6.59
N MET B 4 -41.60 7.70 -0.07
CA MET B 4 -40.35 8.22 0.60
C MET B 4 -39.58 7.17 1.39
N ALA B 5 -38.27 7.21 1.23
CA ALA B 5 -37.39 6.40 2.04
C ALA B 5 -37.51 6.82 3.47
N SER B 6 -37.33 5.85 4.36
CA SER B 6 -37.36 6.13 5.76
C SER B 6 -36.19 7.07 6.14
N GLU B 7 -36.36 7.73 7.27
CA GLU B 7 -35.29 8.70 7.73
C GLU B 7 -33.91 8.01 7.81
N VAL B 8 -33.88 6.82 8.43
CA VAL B 8 -32.62 6.10 8.62
C VAL B 8 -31.99 5.81 7.29
N LEU B 9 -32.79 5.40 6.32
CA LEU B 9 -32.25 5.16 4.98
C LEU B 9 -31.77 6.47 4.30
N GLN B 10 -32.53 7.53 4.41
CA GLN B 10 -32.06 8.82 3.83
C GLN B 10 -30.72 9.27 4.47
N LYS B 11 -30.61 9.11 5.78
CA LYS B 11 -29.34 9.54 6.47
C LYS B 11 -28.20 8.64 6.10
N THR B 12 -28.50 7.33 6.03
CA THR B 12 -27.48 6.40 5.52
C THR B 12 -26.97 6.77 4.11
N ARG B 13 -27.90 7.18 3.25
CA ARG B 13 -27.55 7.52 1.90
C ARG B 13 -26.69 8.78 1.83
N LYS B 14 -26.93 9.73 2.76
CA LYS B 14 -26.08 10.95 2.84
C LYS B 14 -24.68 10.57 3.30
N ILE B 15 -24.58 9.77 4.37
CA ILE B 15 -23.29 9.30 4.84
C ILE B 15 -22.59 8.55 3.70
N ASN B 16 -23.32 7.64 3.02
CA ASN B 16 -22.66 6.95 1.94
C ASN B 16 -22.16 7.77 0.77
N LYS B 17 -22.85 8.87 0.46
CA LYS B 17 -22.35 9.77 -0.63
C LYS B 17 -21.02 10.37 -0.27
N THR B 18 -20.86 10.77 0.98
CA THR B 18 -19.57 11.21 1.54
C THR B 18 -18.53 10.15 1.40
N LEU B 19 -18.87 8.92 1.74
CA LEU B 19 -17.90 7.85 1.68
C LEU B 19 -17.60 7.37 0.28
N GLN B 20 -18.65 7.08 -0.50
CA GLN B 20 -18.50 6.67 -1.90
C GLN B 20 -17.61 7.70 -2.65
N THR B 21 -17.68 8.95 -2.22
CA THR B 21 -16.85 10.06 -2.73
C THR B 21 -15.44 10.04 -2.28
N SER B 22 -15.25 10.23 -0.99
N SER B 22 -15.22 10.06 -0.98
CA SER B 22 -13.94 10.66 -0.47
CA SER B 22 -13.85 10.24 -0.47
C SER B 22 -13.41 9.71 0.55
C SER B 22 -13.35 9.13 0.43
N GLY B 23 -14.31 9.15 1.37
N GLY B 23 -14.25 8.47 1.14
CA GLY B 23 -14.01 7.93 2.15
CA GLY B 23 -13.86 7.67 2.31
C GLY B 23 -13.73 7.82 3.67
C GLY B 23 -14.09 8.66 3.49
N GLY B 24 -14.30 8.65 4.60
N GLY B 24 -13.43 8.41 4.66
CA GLY B 24 -14.64 10.13 4.49
CA GLY B 24 -12.20 7.52 4.84
C GLY B 24 -13.44 10.90 5.07
C GLY B 24 -10.90 8.33 4.63
N SER B 25 -12.40 10.78 4.30
N SER B 25 -10.75 8.72 3.41
CA SER B 25 -11.03 10.59 4.73
CA SER B 25 -9.61 9.52 3.13
C SER B 25 -10.37 11.64 3.89
C SER B 25 -9.90 11.00 3.34
N SER B 26 -9.32 12.25 4.39
N SER B 26 -8.89 11.64 3.89
CA SER B 26 -8.51 13.05 3.51
CA SER B 26 -8.63 13.00 3.56
C SER B 26 -7.07 12.86 4.01
C SER B 26 -7.17 13.14 4.00
N VAL B 27 -6.10 13.38 3.26
N VAL B 27 -6.28 13.50 3.08
CA VAL B 27 -4.77 13.67 3.78
CA VAL B 27 -4.88 13.64 3.47
C VAL B 27 -4.49 15.17 3.43
C VAL B 27 -4.76 15.05 4.01
N SER B 28 -4.26 15.83 5.47
CA SER B 28 -3.98 16.92 6.20
C SER B 28 -2.48 17.02 6.07
N PHE B 29 -2.08 18.10 5.41
CA PHE B 29 -0.76 18.68 5.64
C PHE B 29 -0.69 19.84 6.61
N ASP B 30 -1.58 19.84 7.57
CA ASP B 30 -1.55 20.88 8.63
C ASP B 30 -0.24 20.92 9.41
N LEU B 31 0.37 19.76 9.69
CA LEU B 31 1.63 19.72 10.39
C LEU B 31 2.77 20.40 9.65
N LEU B 32 2.92 20.07 8.40
CA LEU B 32 3.91 20.70 7.59
C LEU B 32 3.66 22.19 7.40
N ALA B 33 2.41 22.55 7.14
CA ALA B 33 2.02 23.93 6.97
C ALA B 33 2.36 24.71 8.20
N GLY B 34 2.09 24.16 9.39
CA GLY B 34 2.47 24.78 10.64
C GLY B 34 3.97 25.00 10.82
N ALA B 35 4.78 24.00 10.48
CA ALA B 35 6.20 24.12 10.60
C ALA B 35 6.74 25.21 9.64
N LEU B 36 6.22 25.21 8.42
CA LEU B 36 6.62 26.23 7.45
C LEU B 36 6.14 27.60 7.91
N GLY B 37 4.91 27.68 8.35
CA GLY B 37 4.32 28.90 8.88
C GLY B 37 5.12 29.50 9.99
N ASP B 38 5.61 28.64 10.88
CA ASP B 38 6.46 29.07 11.95
C ASP B 38 7.82 29.66 11.44
N VAL B 39 8.57 28.87 10.68
CA VAL B 39 9.90 29.30 10.23
C VAL B 39 9.91 30.46 9.20
N LEU B 40 8.85 30.61 8.41
CA LEU B 40 8.68 31.71 7.49
C LEU B 40 7.78 32.87 8.05
N SER B 41 7.22 32.76 9.24
CA SER B 41 6.27 33.76 9.77
C SER B 41 5.18 34.10 8.77
N SER B 42 4.55 33.03 8.16
CA SER B 42 3.71 33.15 7.02
C SER B 42 2.37 32.43 7.21
N ASN B 43 1.37 32.96 6.48
CA ASN B 43 0.20 32.21 6.09
C ASN B 43 0.69 31.20 5.08
N VAL B 44 0.26 29.98 5.26
CA VAL B 44 0.69 28.85 4.41
C VAL B 44 -0.56 28.11 4.00
N TYR B 45 -0.69 27.94 2.68
CA TYR B 45 -1.77 27.17 2.13
C TYR B 45 -1.22 26.02 1.24
N VAL B 46 -1.64 24.78 1.51
CA VAL B 46 -1.24 23.63 0.67
C VAL B 46 -2.53 23.28 -0.03
N VAL B 47 -2.61 23.55 -1.35
CA VAL B 47 -3.86 23.51 -2.11
C VAL B 47 -3.78 22.45 -3.23
N SER B 48 -4.66 21.42 -3.17
CA SER B 48 -4.68 20.49 -4.32
C SER B 48 -4.93 21.13 -5.68
N ALA B 49 -4.64 20.45 -6.77
CA ALA B 49 -4.90 21.00 -8.09
C ALA B 49 -6.35 21.38 -8.28
N LYS B 50 -7.27 20.60 -7.69
CA LYS B 50 -8.68 20.88 -7.72
C LYS B 50 -9.19 21.91 -6.69
N GLY B 51 -8.28 22.49 -5.92
CA GLY B 51 -8.61 23.63 -5.11
C GLY B 51 -8.86 23.34 -3.64
N LYS B 52 -8.66 22.09 -3.23
CA LYS B 52 -9.01 21.75 -1.89
C LYS B 52 -7.83 22.14 -0.96
N VAL B 53 -8.14 22.81 0.16
CA VAL B 53 -7.08 23.21 1.10
C VAL B 53 -6.71 22.00 1.96
N LEU B 54 -5.56 21.39 1.68
CA LEU B 54 -5.17 20.18 2.42
C LEU B 54 -4.33 20.46 3.66
N GLY B 55 -3.73 21.69 3.66
CA GLY B 55 -3.00 22.08 4.85
C GLY B 55 -3.08 23.61 4.96
N LEU B 56 -3.08 24.04 6.20
CA LEU B 56 -3.31 25.53 6.46
C LEU B 56 -2.57 25.98 7.69
N HIS B 57 -1.84 27.09 7.60
CA HIS B 57 -1.40 27.76 8.82
C HIS B 57 -1.63 29.22 8.63
N LEU B 58 -2.21 29.86 9.65
CA LEU B 58 -2.52 31.32 9.53
C LEU B 58 -1.74 32.07 10.59
N ASN B 59 -0.73 32.76 10.13
CA ASN B 59 0.00 33.76 10.90
C ASN B 59 -0.90 35.00 11.09
N ASP B 60 -1.75 35.26 10.11
CA ASP B 60 -2.56 36.48 10.05
C ASP B 60 -3.97 36.00 9.73
N VAL B 61 -4.71 35.68 10.76
CA VAL B 61 -6.00 35.01 10.60
C VAL B 61 -7.01 35.80 9.79
N GLN B 62 -7.06 37.12 9.98
CA GLN B 62 -7.99 38.00 9.22
C GLN B 62 -7.84 37.90 7.72
N ASP B 63 -6.71 37.34 7.24
CA ASP B 63 -6.34 37.42 5.84
C ASP B 63 -6.63 36.11 5.04
N SER B 64 -7.32 35.19 5.68
CA SER B 64 -7.50 33.86 5.07
C SER B 64 -8.32 33.91 3.78
N SER B 65 -7.86 33.20 2.74
CA SER B 65 -8.68 33.00 1.54
C SER B 65 -9.46 31.69 1.53
N VAL B 66 -9.47 30.94 2.64
CA VAL B 66 -10.24 29.72 2.72
C VAL B 66 -11.75 29.98 2.71
N ILE B 67 -12.46 29.20 1.89
CA ILE B 67 -13.91 29.11 1.99
C ILE B 67 -14.31 27.64 2.24
N GLU B 68 -15.48 27.45 2.84
CA GLU B 68 -16.01 26.09 3.14
C GLU B 68 -16.97 25.77 2.02
N ASP B 69 -16.86 24.62 1.42
CA ASP B 69 -17.86 24.29 0.41
C ASP B 69 -19.29 24.28 1.02
N GLU B 70 -20.25 24.92 0.36
CA GLU B 70 -21.66 24.98 0.82
C GLU B 70 -22.22 23.61 1.26
N TYR B 71 -21.85 22.56 0.54
CA TYR B 71 -22.36 21.22 0.78
C TYR B 71 -21.43 20.34 1.59
N THR B 72 -20.25 20.06 1.07
CA THR B 72 -19.29 19.19 1.75
C THR B 72 -18.67 19.83 2.98
N LYS B 73 -18.69 21.17 3.04
CA LYS B 73 -18.03 21.98 4.09
C LYS B 73 -16.49 21.84 4.04
N GLN B 74 -15.99 21.25 2.95
CA GLN B 74 -14.58 21.04 2.75
C GLN B 74 -13.94 22.41 2.52
N LYS B 75 -12.77 22.59 3.09
CA LYS B 75 -12.06 23.86 2.92
C LYS B 75 -11.38 23.88 1.55
N LYS B 76 -11.51 24.99 0.86
CA LYS B 76 -11.10 25.14 -0.50
C LYS B 76 -10.78 26.61 -0.84
N PHE B 77 -10.21 26.79 -2.02
CA PHE B 77 -10.15 28.12 -2.67
C PHE B 77 -11.32 28.24 -3.57
N SER B 78 -11.74 29.48 -3.85
CA SER B 78 -12.73 29.73 -4.82
C SER B 78 -12.32 29.11 -6.17
N ASP B 79 -13.29 28.91 -7.06
CA ASP B 79 -12.98 28.49 -8.43
C ASP B 79 -12.01 29.42 -9.09
N GLU B 80 -12.20 30.75 -8.92
CA GLU B 80 -11.25 31.72 -9.48
C GLU B 80 -9.81 31.49 -9.03
N TYR B 81 -9.64 31.42 -7.70
CA TYR B 81 -8.32 31.26 -7.11
C TYR B 81 -7.70 29.89 -7.51
N THR B 82 -8.57 28.91 -7.60
CA THR B 82 -8.13 27.56 -7.94
C THR B 82 -7.58 27.52 -9.34
N GLN B 83 -8.32 28.11 -10.31
CA GLN B 83 -7.87 28.15 -11.70
C GLN B 83 -6.68 29.07 -11.88
N ASN B 84 -6.63 30.18 -11.12
CA ASN B 84 -5.60 31.16 -11.32
C ASN B 84 -4.25 30.63 -10.91
N VAL B 85 -4.15 29.92 -9.79
CA VAL B 85 -2.87 29.35 -9.38
C VAL B 85 -2.29 28.36 -10.38
N LEU B 86 -3.16 27.69 -11.17
CA LEU B 86 -2.65 26.76 -12.19
C LEU B 86 -2.08 27.40 -13.38
N LYS B 87 -2.28 28.75 -13.50
CA LYS B 87 -1.60 29.51 -14.57
C LYS B 87 -0.12 29.74 -14.34
N ILE B 88 0.36 29.55 -13.11
CA ILE B 88 1.74 29.75 -12.70
C ILE B 88 2.46 28.40 -12.81
N ASP B 89 3.42 28.22 -13.71
CA ASP B 89 4.09 26.93 -13.87
C ASP B 89 5.47 26.81 -13.22
N GLU B 90 5.99 27.92 -12.72
CA GLU B 90 7.26 27.92 -12.00
C GLU B 90 7.06 28.79 -10.80
N THR B 91 7.95 28.68 -9.86
CA THR B 91 7.82 29.47 -8.67
C THR B 91 7.69 31.01 -9.03
N LEU B 92 6.69 31.63 -8.48
CA LEU B 92 6.56 33.16 -8.61
C LEU B 92 6.78 33.75 -7.24
N GLU B 93 7.88 34.51 -7.06
CA GLU B 93 8.13 34.94 -5.71
C GLU B 93 7.80 36.46 -5.59
N ASN B 94 7.41 36.81 -4.40
CA ASN B 94 7.15 38.17 -4.05
C ASN B 94 6.21 38.90 -4.93
N LEU B 95 5.02 38.37 -5.00
CA LEU B 95 3.98 39.00 -5.69
C LEU B 95 3.68 40.16 -4.72
N ASN B 96 3.57 41.34 -5.28
CA ASN B 96 3.36 42.56 -4.46
C ASN B 96 2.78 43.66 -5.36
N GLY B 97 2.11 44.65 -4.80
CA GLY B 97 0.70 44.71 -4.51
C GLY B 97 -0.21 44.89 -5.70
N GLU B 98 0.34 45.26 -6.86
CA GLU B 98 -0.49 45.42 -8.04
C GLU B 98 -0.42 44.18 -8.91
N LYS B 99 0.68 43.49 -8.93
CA LYS B 99 0.74 42.18 -9.66
C LYS B 99 -0.18 41.06 -9.06
N ILE B 100 -0.51 41.19 -7.79
CA ILE B 100 -1.39 40.35 -7.06
C ILE B 100 -2.81 40.31 -7.60
N LEU B 101 -3.28 41.42 -8.17
CA LEU B 101 -4.65 41.46 -8.63
C LEU B 101 -4.83 40.60 -9.84
N GLU B 102 -3.76 40.37 -10.56
CA GLU B 102 -3.80 39.46 -11.69
C GLU B 102 -4.12 38.01 -11.21
N ILE B 103 -3.61 37.61 -10.06
CA ILE B 103 -3.85 36.24 -9.56
C ILE B 103 -4.85 36.09 -8.45
N PHE B 104 -4.77 36.97 -7.47
CA PHE B 104 -5.65 37.01 -6.33
C PHE B 104 -6.38 38.39 -6.17
N PRO B 105 -7.40 38.63 -6.96
CA PRO B 105 -8.23 39.85 -7.04
C PRO B 105 -8.92 40.29 -5.78
N GLU B 106 -9.14 39.41 -4.83
CA GLU B 106 -9.82 39.81 -3.65
C GLU B 106 -8.93 40.02 -2.47
N GLU B 107 -7.78 40.56 -2.78
CA GLU B 107 -6.81 40.90 -1.80
C GLU B 107 -6.89 42.37 -2.03
N HIS B 108 -7.97 43.00 -1.59
CA HIS B 108 -8.01 44.41 -1.83
C HIS B 108 -7.32 45.35 -0.87
N GLY B 109 -7.35 45.02 0.41
CA GLY B 109 -6.57 45.84 1.30
C GLY B 109 -5.21 45.24 1.56
N ARG B 110 -4.90 44.05 1.04
CA ARG B 110 -3.65 43.39 1.45
C ARG B 110 -2.53 43.54 0.37
N LEU B 111 -2.38 44.73 -0.20
CA LEU B 111 -1.44 44.93 -1.33
C LEU B 111 0.01 45.19 -0.90
N GLN B 112 0.20 45.42 0.39
CA GLN B 112 1.53 45.63 0.99
C GLN B 112 2.18 44.26 1.36
N LYS B 113 1.44 43.15 1.18
CA LYS B 113 1.94 41.81 1.52
C LYS B 113 2.84 41.25 0.46
N TYR B 114 3.69 40.32 0.89
CA TYR B 114 4.60 39.62 -0.07
C TYR B 114 4.07 38.23 -0.16
N THR B 115 3.80 37.83 -1.40
CA THR B 115 3.15 36.48 -1.60
C THR B 115 3.97 35.66 -2.59
N THR B 116 4.13 34.36 -2.27
CA THR B 116 4.94 33.47 -3.09
C THR B 116 4.10 32.24 -3.41
N VAL B 117 4.12 31.86 -4.66
CA VAL B 117 3.33 30.72 -5.17
C VAL B 117 4.31 29.69 -5.73
N VAL B 118 4.21 28.48 -5.19
CA VAL B 118 5.16 27.41 -5.59
C VAL B 118 4.36 26.21 -6.09
N PRO B 119 4.53 25.87 -7.35
CA PRO B 119 3.81 24.62 -7.82
C PRO B 119 4.22 23.37 -7.06
N ILE B 120 3.25 22.51 -6.76
CA ILE B 120 3.57 21.22 -6.12
C ILE B 120 3.48 20.18 -7.25
N LEU B 121 4.61 19.54 -7.52
CA LEU B 121 4.74 18.65 -8.63
C LEU B 121 5.11 17.28 -8.10
N GLY B 122 4.60 16.21 -8.69
CA GLY B 122 4.96 14.91 -8.21
C GLY B 122 4.72 13.91 -9.33
N SER B 123 5.66 12.98 -9.50
CA SER B 123 5.62 12.07 -10.66
C SER B 123 5.25 12.80 -11.96
N GLY B 124 6.05 13.83 -12.21
CA GLY B 124 5.86 14.80 -13.27
C GLY B 124 4.46 15.27 -13.61
N GLN B 125 3.60 15.43 -12.60
CA GLN B 125 2.28 16.03 -12.78
C GLN B 125 2.15 17.21 -11.83
N ARG B 126 1.31 18.17 -12.16
CA ARG B 126 0.99 19.30 -11.22
C ARG B 126 -0.13 18.77 -10.30
N LEU B 127 0.22 18.57 -9.05
CA LEU B 127 -0.66 18.01 -8.05
C LEU B 127 -1.29 19.02 -7.15
N GLY B 128 -0.64 20.21 -7.09
CA GLY B 128 -1.17 21.15 -6.14
C GLY B 128 -0.31 22.46 -6.22
N THR B 129 -0.51 23.33 -5.24
CA THR B 129 0.23 24.61 -5.19
C THR B 129 0.46 24.94 -3.73
N LEU B 130 1.65 25.43 -3.38
CA LEU B 130 1.91 25.88 -2.06
C LEU B 130 1.92 27.48 -2.15
N VAL B 131 1.10 28.11 -1.31
CA VAL B 131 0.97 29.61 -1.31
C VAL B 131 1.49 30.09 0.04
N LEU B 132 2.41 31.11 0.03
CA LEU B 132 2.98 31.60 1.28
C LEU B 132 2.80 33.16 1.25
N SER B 133 2.41 33.69 2.38
CA SER B 133 2.19 35.17 2.41
C SER B 133 2.56 35.75 3.74
N ARG B 134 3.21 36.93 3.70
CA ARG B 134 3.50 37.63 4.92
C ARG B 134 3.64 39.14 4.68
N TYR B 135 3.55 39.86 5.78
CA TYR B 135 3.81 41.33 5.68
C TYR B 135 5.27 41.66 5.81
N SER B 136 5.62 42.85 5.29
CA SER B 136 6.83 43.57 5.69
CA SER B 136 6.84 43.57 5.72
C SER B 136 8.11 43.06 5.03
N ASN B 137 8.34 41.73 5.05
CA ASN B 137 9.61 41.15 4.61
C ASN B 137 9.43 40.34 3.35
N SER B 138 10.16 40.71 2.29
CA SER B 138 10.11 39.89 1.03
C SER B 138 10.75 38.56 1.27
N PHE B 139 10.31 37.53 0.54
CA PHE B 139 11.01 36.26 0.58
C PHE B 139 12.33 36.26 -0.21
N ASN B 140 13.36 35.56 0.27
CA ASN B 140 14.67 35.52 -0.40
C ASN B 140 14.89 34.06 -0.82
N ASP B 141 16.05 33.85 -1.41
CA ASP B 141 16.31 32.50 -2.06
C ASP B 141 16.43 31.47 -1.00
N ASP B 142 16.88 31.79 0.20
CA ASP B 142 16.85 30.79 1.29
C ASP B 142 15.42 30.37 1.62
N ASP B 143 14.49 31.33 1.66
CA ASP B 143 13.13 31.00 1.89
C ASP B 143 12.63 30.07 0.79
N LEU B 144 12.99 30.36 -0.47
CA LEU B 144 12.57 29.54 -1.61
C LEU B 144 13.10 28.11 -1.51
N VAL B 145 14.32 27.98 -1.05
CA VAL B 145 14.86 26.61 -0.78
C VAL B 145 13.89 25.82 0.10
N ILE B 146 13.50 26.42 1.22
CA ILE B 146 12.64 25.78 2.20
C ILE B 146 11.27 25.47 1.62
N ALA B 147 10.71 26.44 0.94
CA ALA B 147 9.41 26.35 0.34
C ALA B 147 9.40 25.30 -0.74
N GLU B 148 10.42 25.29 -1.59
CA GLU B 148 10.39 24.38 -2.76
C GLU B 148 10.62 22.93 -2.27
N TYR B 149 11.51 22.72 -1.34
CA TYR B 149 11.63 21.31 -0.88
C TYR B 149 10.41 20.88 -0.15
N SER B 150 9.76 21.77 0.58
CA SER B 150 8.55 21.39 1.27
C SER B 150 7.45 21.01 0.27
N ALA B 151 7.30 21.79 -0.81
CA ALA B 151 6.34 21.58 -1.89
C ALA B 151 6.64 20.18 -2.51
N THR B 152 7.89 19.92 -2.73
CA THR B 152 8.36 18.65 -3.37
C THR B 152 7.95 17.49 -2.41
N VAL B 153 8.12 17.63 -1.13
CA VAL B 153 7.71 16.56 -0.18
C VAL B 153 6.19 16.38 -0.20
N VAL B 154 5.37 17.47 -0.23
CA VAL B 154 3.95 17.29 -0.39
C VAL B 154 3.72 16.45 -1.67
N GLY B 155 4.42 16.76 -2.74
CA GLY B 155 4.29 16.11 -4.06
C GLY B 155 4.52 14.58 -3.87
N LEU B 156 5.48 14.25 -3.06
CA LEU B 156 5.82 12.84 -2.67
C LEU B 156 4.78 12.13 -1.91
N GLU B 157 4.02 12.82 -1.11
CA GLU B 157 3.07 12.25 -0.20
CA GLU B 157 3.07 12.23 -0.21
C GLU B 157 1.62 12.21 -0.71
N ILE B 158 1.34 12.93 -1.79
CA ILE B 158 0.04 12.84 -2.47
C ILE B 158 0.05 11.69 -3.51
N LEU B 159 1.14 11.74 -4.30
CA LEU B 159 1.46 10.94 -5.45
C LEU B 159 1.11 9.46 -5.21
N MET C 4 27.69 28.63 14.85
CA MET C 4 26.20 28.62 14.89
C MET C 4 25.68 28.46 13.50
N ALA C 5 24.78 27.48 13.33
CA ALA C 5 24.42 27.14 11.99
C ALA C 5 23.67 28.26 11.33
N SER C 6 23.87 28.40 10.03
CA SER C 6 23.16 29.38 9.22
C SER C 6 21.66 29.25 9.36
N GLU C 7 20.98 30.38 9.25
CA GLU C 7 19.55 30.43 9.47
C GLU C 7 18.79 29.38 8.57
N VAL C 8 19.13 29.33 7.32
CA VAL C 8 18.52 28.33 6.38
C VAL C 8 18.65 26.89 6.89
N LEU C 9 19.79 26.61 7.47
CA LEU C 9 20.04 25.22 8.01
C LEU C 9 19.26 25.00 9.31
N GLN C 10 19.17 26.02 10.18
CA GLN C 10 18.32 25.90 11.34
C GLN C 10 16.82 25.66 11.01
N LYS C 11 16.32 26.35 9.98
CA LYS C 11 14.93 26.34 9.63
C LYS C 11 14.66 24.96 8.97
N THR C 12 15.62 24.56 8.17
CA THR C 12 15.57 23.20 7.48
C THR C 12 15.48 22.08 8.53
N ARG C 13 16.29 22.20 9.55
CA ARG C 13 16.22 21.27 10.70
C ARG C 13 14.92 21.20 11.45
N LYS C 14 14.26 22.35 11.66
CA LYS C 14 12.95 22.39 12.25
C LYS C 14 11.90 21.73 11.37
N ILE C 15 11.93 22.02 10.05
CA ILE C 15 11.00 21.43 9.11
C ILE C 15 11.24 19.89 9.13
N ASN C 16 12.48 19.50 9.11
CA ASN C 16 12.81 18.03 9.03
C ASN C 16 12.43 17.28 10.27
N LYS C 17 12.53 17.92 11.45
CA LYS C 17 11.95 17.32 12.68
C LYS C 17 10.46 16.99 12.55
N THR C 18 9.71 17.91 11.96
CA THR C 18 8.34 17.65 11.68
C THR C 18 8.19 16.48 10.69
N LEU C 19 8.99 16.52 9.64
CA LEU C 19 8.87 15.44 8.63
C LEU C 19 9.29 14.06 9.14
N GLN C 20 10.39 14.00 9.85
CA GLN C 20 10.89 12.79 10.51
C GLN C 20 9.94 12.19 11.50
N THR C 21 9.08 12.97 12.11
CA THR C 21 8.10 12.46 13.05
C THR C 21 6.87 11.95 12.35
N SER C 22 6.30 12.77 11.47
N SER C 22 6.33 12.72 11.43
CA SER C 22 4.92 12.58 11.04
CA SER C 22 4.99 12.47 10.94
C SER C 22 4.72 12.63 9.55
C SER C 22 4.83 12.55 9.48
N GLY C 23 5.34 13.62 8.89
N GLY C 23 5.90 12.82 8.72
CA GLY C 23 5.45 13.58 7.43
CA GLY C 23 5.68 13.14 7.30
C GLY C 23 5.01 14.60 6.36
C GLY C 23 5.03 14.53 7.24
N GLY C 24 4.61 15.86 6.65
N GLY C 24 4.45 14.93 6.08
CA GLY C 24 4.08 16.38 7.91
CA GLY C 24 3.71 14.08 5.06
C GLY C 24 2.60 16.31 7.67
C GLY C 24 2.32 13.66 5.54
N SER C 25 2.15 15.03 7.77
N SER C 25 2.40 12.98 6.65
CA SER C 25 0.99 14.48 7.13
CA SER C 25 1.35 12.19 7.20
C SER C 25 0.20 13.79 8.21
C SER C 25 0.41 12.98 8.13
N SER C 26 -1.11 13.81 8.13
N SER C 26 -0.86 13.05 7.76
CA SER C 26 -1.92 12.96 9.01
CA SER C 26 -1.94 13.09 8.75
C SER C 26 -3.08 12.49 8.20
C SER C 26 -3.22 12.69 8.06
N VAL C 27 -3.75 11.48 8.68
N VAL C 27 -3.93 11.72 8.62
CA VAL C 27 -5.07 11.18 8.14
CA VAL C 27 -5.11 11.19 7.93
C VAL C 27 -6.13 12.04 8.80
C VAL C 27 -6.35 12.12 7.84
N SER C 28 -7.07 12.58 7.99
N SER C 28 -7.00 12.49 8.92
CA SER C 28 -8.21 13.40 8.43
CA SER C 28 -8.19 13.37 8.75
C SER C 28 -9.58 12.73 8.17
C SER C 28 -9.50 12.73 8.27
N PHE C 29 -10.45 12.68 9.20
CA PHE C 29 -11.82 12.31 8.98
C PHE C 29 -12.75 13.48 9.10
N ASP C 30 -12.29 14.69 8.72
CA ASP C 30 -13.22 15.80 8.82
C ASP C 30 -14.43 15.69 7.92
N LEU C 31 -14.27 15.08 6.73
CA LEU C 31 -15.38 14.94 5.81
C LEU C 31 -16.53 14.03 6.40
N LEU C 32 -16.14 12.88 6.93
CA LEU C 32 -17.09 12.03 7.61
C LEU C 32 -17.70 12.72 8.91
N ALA C 33 -16.86 13.33 9.74
CA ALA C 33 -17.34 14.00 10.91
C ALA C 33 -18.41 15.11 10.55
N GLY C 34 -18.17 15.84 9.46
CA GLY C 34 -19.12 16.80 8.93
C GLY C 34 -20.41 16.22 8.46
N ALA C 35 -20.33 15.08 7.75
CA ALA C 35 -21.53 14.38 7.28
C ALA C 35 -22.33 13.85 8.49
N LEU C 36 -21.66 13.22 9.47
CA LEU C 36 -22.36 12.81 10.72
C LEU C 36 -22.97 13.95 11.50
N GLY C 37 -22.18 14.99 11.61
CA GLY C 37 -22.59 16.15 12.33
C GLY C 37 -23.84 16.77 11.71
N ASP C 38 -23.88 16.83 10.39
CA ASP C 38 -25.04 17.27 9.62
C ASP C 38 -26.21 16.37 9.89
N VAL C 39 -26.06 15.04 9.73
CA VAL C 39 -27.27 14.21 9.79
C VAL C 39 -27.75 13.98 11.21
N LEU C 40 -26.86 14.04 12.18
CA LEU C 40 -27.22 13.91 13.59
C LEU C 40 -27.29 15.20 14.34
N SER C 41 -27.12 16.31 13.65
CA SER C 41 -27.13 17.66 14.36
C SER C 41 -26.29 17.68 15.66
N SER C 42 -25.07 17.16 15.54
CA SER C 42 -24.23 16.92 16.73
C SER C 42 -22.84 17.51 16.54
N ASN C 43 -22.19 17.70 17.69
CA ASN C 43 -20.75 17.84 17.76
C ASN C 43 -20.22 16.42 17.59
N VAL C 44 -19.23 16.27 16.75
CA VAL C 44 -18.63 14.97 16.40
C VAL C 44 -17.12 15.02 16.56
N TYR C 45 -16.57 14.08 17.31
CA TYR C 45 -15.18 13.92 17.45
C TYR C 45 -14.73 12.53 17.04
N VAL C 46 -13.78 12.42 16.16
CA VAL C 46 -13.09 11.13 15.81
C VAL C 46 -11.75 11.21 16.46
N VAL C 47 -11.56 10.37 17.51
CA VAL C 47 -10.40 10.47 18.35
C VAL C 47 -9.58 9.22 18.29
N SER C 48 -8.30 9.35 17.90
CA SER C 48 -7.38 8.20 17.93
C SER C 48 -7.22 7.67 19.36
N ALA C 49 -6.79 6.43 19.50
CA ALA C 49 -6.57 5.83 20.80
C ALA C 49 -5.57 6.65 21.65
N LYS C 50 -4.57 7.24 21.01
CA LYS C 50 -3.62 8.10 21.71
C LYS C 50 -4.17 9.52 22.02
N GLY C 51 -5.37 9.83 21.64
CA GLY C 51 -5.96 11.20 21.91
C GLY C 51 -5.99 12.18 20.81
N LYS C 52 -5.52 11.80 19.61
CA LYS C 52 -5.51 12.78 18.51
C LYS C 52 -6.85 12.98 17.88
N VAL C 53 -7.32 14.22 17.72
CA VAL C 53 -8.57 14.49 17.04
C VAL C 53 -8.33 14.46 15.55
N LEU C 54 -8.76 13.38 14.88
CA LEU C 54 -8.54 13.19 13.47
C LEU C 54 -9.68 13.70 12.63
N GLY C 55 -10.85 13.91 13.27
CA GLY C 55 -12.00 14.46 12.62
C GLY C 55 -12.82 15.23 13.62
N LEU C 56 -13.38 16.32 13.15
CA LEU C 56 -14.08 17.23 14.09
C LEU C 56 -15.15 17.93 13.30
N HIS C 57 -16.34 17.96 13.91
CA HIS C 57 -17.39 18.89 13.46
C HIS C 57 -18.04 19.48 14.63
N LEU C 58 -18.28 20.81 14.58
CA LEU C 58 -18.92 21.44 15.73
C LEU C 58 -20.22 22.01 15.30
N ASN C 59 -21.27 21.45 15.83
CA ASN C 59 -22.61 21.97 15.68
C ASN C 59 -22.76 23.13 16.72
N ASP C 60 -22.13 22.93 17.85
CA ASP C 60 -22.14 23.84 18.97
C ASP C 60 -20.67 24.23 19.30
N VAL C 61 -20.14 25.25 18.63
CA VAL C 61 -18.70 25.61 18.71
C VAL C 61 -18.20 25.90 20.16
N GLN C 62 -19.08 26.47 20.99
CA GLN C 62 -18.82 26.87 22.41
C GLN C 62 -18.51 25.70 23.26
N ASP C 63 -18.89 24.49 22.85
CA ASP C 63 -18.83 23.28 23.69
C ASP C 63 -17.63 22.37 23.39
N SER C 64 -16.80 22.78 22.43
CA SER C 64 -15.63 22.02 22.10
C SER C 64 -14.72 21.62 23.24
N SER C 65 -14.33 20.33 23.26
CA SER C 65 -13.35 19.79 24.15
C SER C 65 -11.96 19.66 23.52
N VAL C 66 -11.76 20.17 22.30
CA VAL C 66 -10.47 20.08 21.61
C VAL C 66 -9.47 21.00 22.22
N ILE C 67 -8.26 20.50 22.46
CA ILE C 67 -7.11 21.31 22.90
C ILE C 67 -5.92 21.08 21.95
N GLU C 68 -4.93 21.98 22.00
CA GLU C 68 -3.83 22.07 21.00
C GLU C 68 -2.59 21.63 21.73
N ASP C 69 -1.86 20.73 21.12
CA ASP C 69 -0.68 20.17 21.72
C ASP C 69 0.36 21.30 21.64
N GLU C 70 0.89 21.61 22.80
CA GLU C 70 1.90 22.65 22.98
C GLU C 70 3.00 22.59 21.91
N TYR C 71 3.59 21.41 21.73
CA TYR C 71 4.78 21.21 20.86
C TYR C 71 4.51 20.81 19.40
N THR C 72 3.27 20.52 18.99
CA THR C 72 2.96 20.31 17.55
C THR C 72 1.74 21.05 17.01
N LYS C 73 0.94 21.64 17.90
CA LYS C 73 -0.35 22.28 17.60
C LYS C 73 -1.39 21.26 17.11
N GLN C 74 -1.02 19.99 17.06
CA GLN C 74 -2.01 18.98 16.83
C GLN C 74 -3.23 19.07 17.77
N LYS C 75 -4.42 18.93 17.21
CA LYS C 75 -5.61 18.86 17.95
C LYS C 75 -5.69 17.52 18.71
N LYS C 76 -6.16 17.60 19.95
CA LYS C 76 -6.24 16.41 20.83
C LYS C 76 -7.27 16.58 21.94
N PHE C 77 -7.52 15.47 22.65
CA PHE C 77 -8.19 15.48 23.91
C PHE C 77 -7.15 15.54 25.00
N SER C 78 -7.56 16.04 26.16
CA SER C 78 -6.74 16.00 27.34
C SER C 78 -6.41 14.53 27.66
N ASP C 79 -5.41 14.36 28.46
CA ASP C 79 -5.02 12.98 28.94
C ASP C 79 -6.16 12.29 29.66
N GLU C 80 -6.90 13.02 30.50
CA GLU C 80 -7.98 12.37 31.22
C GLU C 80 -9.18 11.95 30.28
N TYR C 81 -9.59 12.83 29.36
CA TYR C 81 -10.59 12.53 28.41
C TYR C 81 -10.11 11.31 27.53
N THR C 82 -8.86 11.37 27.09
CA THR C 82 -8.28 10.36 26.24
C THR C 82 -8.32 8.98 26.91
N GLN C 83 -7.89 8.92 28.13
CA GLN C 83 -7.82 7.66 28.85
C GLN C 83 -9.19 7.25 29.24
N ASN C 84 -10.08 8.19 29.59
CA ASN C 84 -11.41 7.75 30.03
C ASN C 84 -12.21 7.07 28.89
N VAL C 85 -12.14 7.58 27.65
CA VAL C 85 -12.93 7.02 26.57
C VAL C 85 -12.44 5.61 26.21
N LEU C 86 -11.15 5.35 26.39
CA LEU C 86 -10.60 4.00 26.17
C LEU C 86 -11.07 3.00 27.16
N LYS C 87 -11.59 3.42 28.30
CA LYS C 87 -12.12 2.42 29.26
C LYS C 87 -13.48 1.85 28.83
N ILE C 88 -14.15 2.55 27.91
CA ILE C 88 -15.49 2.23 27.43
C ILE C 88 -15.31 1.22 26.28
N ASP C 89 -15.84 0.00 26.41
CA ASP C 89 -15.53 -1.06 25.44
C ASP C 89 -16.73 -1.45 24.52
N GLU C 90 -17.91 -0.84 24.79
CA GLU C 90 -19.09 -0.98 24.00
C GLU C 90 -19.71 0.38 23.82
N THR C 91 -20.60 0.51 22.85
CA THR C 91 -21.36 1.79 22.72
C THR C 91 -22.03 2.23 24.04
N LEU C 92 -21.76 3.49 24.46
CA LEU C 92 -22.45 4.11 25.54
C LEU C 92 -23.39 5.17 24.91
N GLU C 93 -24.68 4.95 24.97
CA GLU C 93 -25.66 5.88 24.36
C GLU C 93 -26.29 6.78 25.42
N ASN C 94 -26.53 8.01 25.00
CA ASN C 94 -27.34 8.95 25.80
C ASN C 94 -26.83 9.17 27.21
N LEU C 95 -25.50 9.26 27.36
CA LEU C 95 -24.90 9.72 28.55
C LEU C 95 -25.47 11.19 28.75
N ASN C 96 -25.92 11.45 29.97
CA ASN C 96 -26.73 12.61 30.36
C ASN C 96 -26.78 12.39 31.89
N GLY C 97 -27.11 13.32 32.77
CA GLY C 97 -26.68 14.67 32.76
C GLY C 97 -25.42 14.48 33.59
N GLU C 98 -25.52 14.20 34.90
CA GLU C 98 -24.36 13.98 35.76
C GLU C 98 -23.50 12.76 35.55
N LYS C 99 -24.07 11.67 35.10
CA LYS C 99 -23.20 10.56 34.69
C LYS C 99 -22.18 11.03 33.62
N ILE C 100 -22.47 12.10 32.83
CA ILE C 100 -21.47 12.62 31.86
C ILE C 100 -20.13 12.78 32.56
N LEU C 101 -20.14 13.29 33.82
CA LEU C 101 -18.90 13.62 34.58
C LEU C 101 -17.98 12.43 34.92
N GLU C 102 -18.57 11.24 34.93
CA GLU C 102 -17.78 10.01 35.17
C GLU C 102 -16.75 9.77 34.07
N ILE C 103 -17.09 10.12 32.84
CA ILE C 103 -16.19 10.00 31.70
C ILE C 103 -15.52 11.34 31.31
N PHE C 104 -16.30 12.41 31.31
CA PHE C 104 -15.81 13.75 30.82
C PHE C 104 -15.96 14.79 31.96
N PRO C 105 -14.95 14.84 32.84
CA PRO C 105 -15.16 15.59 34.07
C PRO C 105 -15.24 17.12 33.97
N GLU C 106 -14.99 17.69 32.81
CA GLU C 106 -15.00 19.17 32.61
C GLU C 106 -16.25 19.64 31.89
N GLU C 107 -17.36 18.89 32.01
CA GLU C 107 -18.58 19.23 31.27
C GLU C 107 -19.59 20.07 32.06
N HIS C 108 -19.07 20.83 33.06
CA HIS C 108 -19.84 21.36 34.13
C HIS C 108 -21.03 22.23 33.80
N GLY C 109 -20.92 23.10 32.72
CA GLY C 109 -22.32 23.74 32.30
C GLY C 109 -23.00 23.11 31.08
N ARG C 110 -22.63 21.87 30.78
CA ARG C 110 -23.11 21.18 29.54
C ARG C 110 -23.77 19.85 29.86
N LEU C 111 -24.40 19.74 30.99
CA LEU C 111 -24.83 18.41 31.44
C LEU C 111 -26.23 18.02 30.91
N GLN C 112 -26.91 18.96 30.28
CA GLN C 112 -28.25 18.73 29.75
C GLN C 112 -28.07 18.09 28.33
N LYS C 113 -26.83 17.86 27.89
CA LYS C 113 -26.52 17.29 26.57
C LYS C 113 -26.71 15.78 26.61
N TYR C 114 -26.93 15.22 25.41
CA TYR C 114 -26.94 13.76 25.22
C TYR C 114 -25.71 13.41 24.49
N THR C 115 -24.94 12.45 25.01
CA THR C 115 -23.68 12.12 24.41
C THR C 115 -23.62 10.61 24.23
N THR C 116 -23.17 10.26 23.04
CA THR C 116 -22.96 8.86 22.66
C THR C 116 -21.51 8.66 22.33
N VAL C 117 -20.95 7.57 22.87
CA VAL C 117 -19.55 7.23 22.75
C VAL C 117 -19.49 5.83 22.06
N VAL C 118 -18.84 5.79 20.94
CA VAL C 118 -18.72 4.54 20.11
C VAL C 118 -17.26 4.17 19.94
N PRO C 119 -16.85 2.99 20.47
CA PRO C 119 -15.54 2.51 20.15
C PRO C 119 -15.31 2.25 18.66
N ILE C 120 -14.13 2.61 18.20
CA ILE C 120 -13.65 2.38 16.82
C ILE C 120 -12.68 1.23 16.86
N LEU C 121 -13.13 0.10 16.28
CA LEU C 121 -12.36 -1.12 16.32
C LEU C 121 -12.05 -1.50 14.89
N GLY C 122 -10.84 -2.00 14.69
CA GLY C 122 -10.42 -2.54 13.40
C GLY C 122 -9.59 -3.75 13.60
N SER C 123 -9.89 -4.81 12.85
CA SER C 123 -9.24 -6.12 13.05
C SER C 123 -9.25 -6.58 14.50
N GLY C 124 -10.41 -6.43 15.13
CA GLY C 124 -10.64 -6.66 16.57
C GLY C 124 -9.77 -5.88 17.54
N GLN C 125 -9.10 -4.82 17.07
CA GLN C 125 -8.26 -3.91 17.95
C GLN C 125 -8.91 -2.56 18.23
N ARG C 126 -8.66 -1.97 19.42
CA ARG C 126 -9.24 -0.66 19.73
C ARG C 126 -8.37 0.47 19.16
N LEU C 127 -8.84 1.16 18.13
CA LEU C 127 -8.01 2.11 17.37
C LEU C 127 -8.39 3.57 17.68
N GLY C 128 -9.57 3.78 18.24
CA GLY C 128 -10.05 5.16 18.58
C GLY C 128 -11.45 5.09 19.06
N THR C 129 -12.14 6.25 19.03
CA THR C 129 -13.44 6.42 19.56
C THR C 129 -14.11 7.57 18.80
N LEU C 130 -15.38 7.38 18.58
CA LEU C 130 -16.30 8.31 18.01
C LEU C 130 -17.15 8.89 19.13
N VAL C 131 -17.21 10.22 19.22
CA VAL C 131 -18.03 10.85 20.31
C VAL C 131 -19.01 11.81 19.63
N LEU C 132 -20.31 11.70 19.97
CA LEU C 132 -21.37 12.46 19.36
C LEU C 132 -22.12 13.12 20.44
N SER C 133 -22.40 14.43 20.32
CA SER C 133 -23.14 15.05 21.41
C SER C 133 -24.09 16.13 20.87
N ARG C 134 -25.26 16.23 21.46
CA ARG C 134 -26.20 17.25 21.05
C ARG C 134 -27.18 17.59 22.17
N TYR C 135 -27.82 18.76 21.97
CA TYR C 135 -28.82 19.21 22.91
C TYR C 135 -30.16 18.59 22.57
N SER C 136 -31.00 18.49 23.63
CA SER C 136 -32.48 18.46 23.45
CA SER C 136 -32.46 18.45 23.51
C SER C 136 -33.08 17.08 23.17
N ASN C 137 -32.51 16.40 22.17
CA ASN C 137 -33.02 15.12 21.67
C ASN C 137 -32.01 14.03 21.94
N SER C 138 -32.45 13.03 22.70
CA SER C 138 -31.70 11.78 22.86
C SER C 138 -31.53 11.13 21.50
N PHE C 139 -30.46 10.35 21.40
CA PHE C 139 -30.20 9.48 20.26
C PHE C 139 -31.11 8.21 20.28
N ASN C 140 -31.61 7.80 19.12
CA ASN C 140 -32.39 6.58 19.03
C ASN C 140 -31.57 5.53 18.29
N ASP C 141 -32.20 4.39 18.06
CA ASP C 141 -31.49 3.23 17.48
C ASP C 141 -31.12 3.43 16.04
N ASP C 142 -31.91 4.22 15.30
CA ASP C 142 -31.53 4.61 13.95
C ASP C 142 -30.25 5.45 13.96
N ASP C 143 -30.17 6.37 14.93
CA ASP C 143 -28.95 7.15 15.09
C ASP C 143 -27.78 6.29 15.41
N LEU C 144 -28.01 5.27 16.26
CA LEU C 144 -26.92 4.29 16.56
C LEU C 144 -26.46 3.49 15.36
N VAL C 145 -27.38 3.15 14.45
CA VAL C 145 -26.98 2.50 13.22
C VAL C 145 -25.97 3.34 12.47
N ILE C 146 -26.29 4.63 12.33
CA ILE C 146 -25.46 5.53 11.58
C ILE C 146 -24.11 5.72 12.27
N ALA C 147 -24.13 5.91 13.59
CA ALA C 147 -22.91 6.09 14.39
C ALA C 147 -22.00 4.90 14.35
N GLU C 148 -22.64 3.73 14.52
CA GLU C 148 -21.81 2.52 14.61
C GLU C 148 -21.25 2.09 13.28
N TYR C 149 -21.99 2.23 12.19
CA TYR C 149 -21.38 1.86 10.95
C TYR C 149 -20.32 2.93 10.51
N SER C 150 -20.56 4.21 10.85
CA SER C 150 -19.48 5.18 10.65
C SER C 150 -18.21 4.90 11.44
N ALA C 151 -18.33 4.53 12.74
CA ALA C 151 -17.20 4.10 13.57
C ALA C 151 -16.46 2.92 12.92
N THR C 152 -17.25 1.92 12.48
CA THR C 152 -16.64 0.79 11.79
C THR C 152 -15.85 1.16 10.53
N VAL C 153 -16.36 2.07 9.72
CA VAL C 153 -15.67 2.59 8.55
C VAL C 153 -14.33 3.28 8.89
N VAL C 154 -14.35 4.11 9.94
CA VAL C 154 -13.14 4.67 10.43
C VAL C 154 -12.09 3.58 10.78
N GLY C 155 -12.54 2.54 11.49
CA GLY C 155 -11.67 1.42 11.87
C GLY C 155 -11.06 0.74 10.67
N LEU C 156 -11.81 0.65 9.60
CA LEU C 156 -11.32 0.06 8.31
C LEU C 156 -10.28 0.93 7.61
N GLU C 157 -10.37 2.23 7.82
CA GLU C 157 -9.50 3.18 7.13
CA GLU C 157 -9.48 3.19 7.14
C GLU C 157 -8.22 3.53 7.91
N ILE C 158 -8.26 3.38 9.22
CA ILE C 158 -7.08 3.50 10.10
C ILE C 158 -6.25 2.21 10.16
N LEU C 159 -6.95 1.07 10.25
CA LEU C 159 -6.42 -0.31 10.36
C LEU C 159 -5.26 -0.57 9.40
N MET D 4 8.96 -32.24 -26.49
CA MET D 4 7.95 -31.99 -25.40
C MET D 4 8.65 -31.53 -24.12
N ALA D 5 8.18 -30.40 -23.58
CA ALA D 5 8.74 -29.99 -22.36
C ALA D 5 8.62 -31.07 -21.26
N SER D 6 9.63 -31.18 -20.44
CA SER D 6 9.64 -31.99 -19.26
C SER D 6 8.41 -31.70 -18.40
N GLU D 7 7.98 -32.70 -17.67
CA GLU D 7 6.77 -32.63 -16.92
C GLU D 7 6.78 -31.51 -15.87
N VAL D 8 7.89 -31.41 -15.17
CA VAL D 8 8.02 -30.34 -14.17
C VAL D 8 7.89 -28.90 -14.84
N LEU D 9 8.34 -28.78 -16.05
CA LEU D 9 8.22 -27.46 -16.79
C LEU D 9 6.82 -27.22 -17.27
N GLN D 10 6.11 -28.28 -17.77
CA GLN D 10 4.72 -28.14 -18.11
C GLN D 10 3.85 -27.73 -16.89
N LYS D 11 4.12 -28.32 -15.72
CA LYS D 11 3.35 -28.12 -14.54
C LYS D 11 3.66 -26.67 -14.01
N THR D 12 4.91 -26.36 -14.04
CA THR D 12 5.36 -24.89 -13.68
C THR D 12 4.57 -23.93 -14.55
N ARG D 13 4.48 -24.23 -15.81
CA ARG D 13 3.77 -23.33 -16.76
C ARG D 13 2.29 -23.20 -16.48
N LYS D 14 1.63 -24.29 -16.06
CA LYS D 14 0.25 -24.23 -15.66
C LYS D 14 0.09 -23.38 -14.36
N ILE D 15 0.95 -23.57 -13.38
CA ILE D 15 0.87 -22.80 -12.17
C ILE D 15 1.06 -21.28 -12.56
N ASN D 16 2.04 -20.99 -13.39
CA ASN D 16 2.42 -19.56 -13.77
C ASN D 16 1.31 -18.89 -14.56
N LYS D 17 0.61 -19.62 -15.40
CA LYS D 17 -0.60 -19.09 -16.02
C LYS D 17 -1.66 -18.75 -15.04
N THR D 18 -1.89 -19.60 -14.05
CA THR D 18 -2.80 -19.26 -12.99
C THR D 18 -2.39 -17.97 -12.25
N LEU D 19 -1.11 -17.89 -11.93
CA LEU D 19 -0.48 -16.70 -11.26
C LEU D 19 -0.57 -15.44 -12.10
N GLN D 20 -0.18 -15.57 -13.37
CA GLN D 20 -0.11 -14.43 -14.30
C GLN D 20 -1.46 -13.87 -14.58
N THR D 21 -2.45 -14.62 -14.24
CA THR D 21 -3.78 -14.21 -14.42
C THR D 21 -4.33 -13.52 -13.24
N SER D 22 -4.04 -14.10 -12.08
N SER D 22 -4.13 -14.11 -12.07
CA SER D 22 -4.61 -13.61 -10.88
CA SER D 22 -4.82 -13.63 -10.90
C SER D 22 -3.80 -13.21 -9.68
C SER D 22 -3.96 -13.26 -9.73
N GLY D 23 -2.62 -13.77 -9.53
N GLY D 23 -2.73 -13.77 -9.71
CA GLY D 23 -1.75 -13.62 -8.35
CA GLY D 23 -1.94 -13.95 -8.42
C GLY D 23 -2.07 -14.76 -7.37
C GLY D 23 -2.31 -15.30 -7.73
N GLY D 24 -2.65 -15.86 -7.93
N GLY D 24 -1.79 -15.53 -6.54
CA GLY D 24 -3.06 -17.05 -7.16
CA GLY D 24 -1.79 -14.59 -5.42
C GLY D 24 -4.18 -16.84 -6.13
C GLY D 24 -3.10 -13.86 -5.14
N SER D 25 -4.10 -15.57 -5.69
N SER D 25 -3.71 -13.44 -6.19
CA SER D 25 -4.67 -14.60 -4.73
CA SER D 25 -4.89 -12.64 -6.05
C SER D 25 -5.73 -13.66 -5.19
C SER D 25 -6.22 -13.19 -6.02
N SER D 26 -6.87 -13.85 -4.59
N SER D 26 -6.73 -13.52 -4.85
CA SER D 26 -8.03 -13.09 -4.87
CA SER D 26 -8.14 -13.47 -4.88
C SER D 26 -8.61 -12.47 -3.63
C SER D 26 -8.66 -12.54 -3.73
N VAL D 27 -9.24 -11.33 -3.77
N VAL D 27 -9.24 -11.37 -4.04
CA VAL D 27 -9.96 -10.79 -2.65
CA VAL D 27 -9.82 -10.67 -2.94
C VAL D 27 -11.38 -11.32 -2.72
C VAL D 27 -10.98 -11.47 -2.38
N SER D 28 -11.86 -11.60 -1.51
CA SER D 28 -12.94 -12.49 -1.23
C SER D 28 -13.70 -11.73 -0.16
N PHE D 29 -14.96 -11.57 -0.42
CA PHE D 29 -15.91 -11.00 0.47
C PHE D 29 -16.89 -12.08 0.91
N ASP D 30 -16.44 -13.35 0.95
CA ASP D 30 -17.31 -14.40 1.47
C ASP D 30 -17.80 -14.20 2.93
N LEU D 31 -16.95 -13.64 3.79
CA LEU D 31 -17.39 -13.40 5.15
C LEU D 31 -18.52 -12.34 5.26
N LEU D 32 -18.38 -11.25 4.51
CA LEU D 32 -19.44 -10.26 4.44
C LEU D 32 -20.70 -10.79 3.81
N ALA D 33 -20.57 -11.47 2.65
CA ALA D 33 -21.71 -12.09 1.97
C ALA D 33 -22.48 -13.07 2.92
N GLY D 34 -21.73 -13.84 3.71
CA GLY D 34 -22.36 -14.79 4.67
C GLY D 34 -23.13 -14.10 5.76
N ALA D 35 -22.55 -12.99 6.28
CA ALA D 35 -23.22 -12.25 7.31
C ALA D 35 -24.51 -11.63 6.73
N LEU D 36 -24.42 -11.03 5.53
CA LEU D 36 -25.57 -10.50 4.85
C LEU D 36 -26.64 -11.58 4.55
N GLY D 37 -26.14 -12.71 4.06
CA GLY D 37 -27.02 -13.83 3.79
C GLY D 37 -27.81 -14.34 4.97
N ASP D 38 -27.17 -14.38 6.14
CA ASP D 38 -27.76 -14.78 7.35
C ASP D 38 -28.82 -13.77 7.76
N VAL D 39 -28.41 -12.48 7.88
CA VAL D 39 -29.37 -11.48 8.34
C VAL D 39 -30.57 -11.27 7.41
N LEU D 40 -30.38 -11.44 6.11
CA LEU D 40 -31.38 -11.22 5.13
C LEU D 40 -32.01 -12.50 4.55
N SER D 41 -31.56 -13.69 4.99
CA SER D 41 -32.07 -15.01 4.42
C SER D 41 -32.06 -15.03 2.91
N SER D 42 -30.94 -14.63 2.32
CA SER D 42 -30.85 -14.32 0.90
C SER D 42 -29.63 -15.00 0.25
N ASN D 43 -29.74 -15.25 -1.08
CA ASN D 43 -28.60 -15.42 -1.93
C ASN D 43 -27.93 -14.04 -2.03
N VAL D 44 -26.63 -14.03 -1.81
CA VAL D 44 -25.84 -12.79 -1.87
C VAL D 44 -24.66 -12.96 -2.82
N TYR D 45 -24.56 -12.07 -3.80
CA TYR D 45 -23.44 -12.06 -4.72
C TYR D 45 -22.76 -10.68 -4.71
N VAL D 46 -21.45 -10.71 -4.59
CA VAL D 46 -20.62 -9.53 -4.66
C VAL D 46 -19.88 -9.73 -5.94
N VAL D 47 -20.22 -8.96 -6.97
CA VAL D 47 -19.75 -9.14 -8.34
C VAL D 47 -18.94 -7.91 -8.79
N SER D 48 -17.71 -8.14 -9.22
CA SER D 48 -16.87 -7.03 -9.77
C SER D 48 -17.51 -6.52 -11.07
N ALA D 49 -17.08 -5.31 -11.49
CA ALA D 49 -17.65 -4.73 -12.70
C ALA D 49 -17.39 -5.63 -13.94
N LYS D 50 -16.30 -6.38 -13.88
CA LYS D 50 -15.88 -7.27 -14.95
C LYS D 50 -16.59 -8.62 -14.87
N GLY D 51 -17.42 -8.84 -13.84
CA GLY D 51 -18.27 -10.05 -13.70
C GLY D 51 -17.74 -11.12 -12.75
N LYS D 52 -16.61 -10.90 -12.08
CA LYS D 52 -16.00 -11.86 -11.16
C LYS D 52 -16.75 -11.91 -9.85
N VAL D 53 -17.07 -13.13 -9.38
CA VAL D 53 -17.78 -13.30 -8.14
C VAL D 53 -16.76 -13.26 -7.04
N LEU D 54 -16.73 -12.14 -6.31
CA LEU D 54 -15.79 -11.97 -5.25
C LEU D 54 -16.29 -12.41 -3.91
N GLY D 55 -17.63 -12.49 -3.76
CA GLY D 55 -18.23 -13.00 -2.55
C GLY D 55 -19.57 -13.63 -2.84
N LEU D 56 -19.84 -14.70 -2.08
CA LEU D 56 -21.04 -15.48 -2.34
C LEU D 56 -21.55 -16.10 -1.09
N HIS D 57 -22.87 -16.03 -0.93
CA HIS D 57 -23.59 -16.85 0.06
C HIS D 57 -24.84 -17.35 -0.60
N LEU D 58 -25.10 -18.65 -0.47
CA LEU D 58 -26.28 -19.19 -1.05
C LEU D 58 -27.19 -19.71 0.06
N ASN D 59 -28.33 -19.06 0.21
CA ASN D 59 -29.48 -19.49 0.98
C ASN D 59 -30.20 -20.61 0.22
N ASP D 60 -30.24 -20.42 -1.10
CA ASP D 60 -30.93 -21.30 -2.07
C ASP D 60 -29.95 -21.75 -3.14
N VAL D 61 -29.23 -22.86 -2.84
CA VAL D 61 -28.09 -23.29 -3.67
C VAL D 61 -28.53 -23.60 -5.11
N GLN D 62 -29.74 -24.12 -5.28
CA GLN D 62 -30.25 -24.48 -6.62
C GLN D 62 -30.44 -23.27 -7.57
N ASP D 63 -30.56 -22.08 -6.98
CA ASP D 63 -30.83 -20.85 -7.72
C ASP D 63 -29.57 -20.04 -8.11
N SER D 64 -28.37 -20.53 -7.82
CA SER D 64 -27.13 -19.82 -8.12
C SER D 64 -26.96 -19.48 -9.56
N SER D 65 -26.55 -18.24 -9.83
CA SER D 65 -26.18 -17.80 -11.16
C SER D 65 -24.70 -17.74 -11.37
N VAL D 66 -23.94 -18.29 -10.43
CA VAL D 66 -22.51 -18.37 -10.55
C VAL D 66 -22.14 -19.39 -11.61
N ILE D 67 -21.21 -19.01 -12.48
CA ILE D 67 -20.64 -20.03 -13.42
C ILE D 67 -19.15 -20.09 -13.26
N GLU D 68 -18.56 -21.25 -13.49
CA GLU D 68 -17.11 -21.37 -13.40
C GLU D 68 -16.62 -21.26 -14.76
N ASP D 69 -15.64 -20.39 -14.99
CA ASP D 69 -15.02 -20.26 -16.22
C ASP D 69 -14.33 -21.57 -16.49
N GLU D 70 -14.79 -22.22 -17.56
CA GLU D 70 -14.39 -23.55 -18.01
C GLU D 70 -12.87 -23.59 -18.15
N TYR D 71 -12.34 -22.50 -18.70
CA TYR D 71 -10.92 -22.34 -18.95
C TYR D 71 -10.09 -21.93 -17.71
N THR D 72 -10.50 -20.85 -17.06
CA THR D 72 -9.72 -20.22 -15.97
C THR D 72 -10.12 -20.61 -14.55
N LYS D 73 -11.29 -21.25 -14.43
CA LYS D 73 -11.84 -21.76 -13.17
C LYS D 73 -12.36 -20.65 -12.24
N GLN D 74 -12.45 -19.43 -12.78
CA GLN D 74 -12.79 -18.30 -11.96
C GLN D 74 -14.31 -18.20 -11.91
N LYS D 75 -14.84 -17.94 -10.73
CA LYS D 75 -16.27 -17.82 -10.57
C LYS D 75 -16.68 -16.46 -11.08
N LYS D 76 -17.76 -16.45 -11.86
CA LYS D 76 -18.22 -15.26 -12.53
C LYS D 76 -19.72 -15.30 -12.77
N PHE D 77 -20.24 -14.16 -13.23
CA PHE D 77 -21.57 -14.07 -13.81
C PHE D 77 -21.37 -14.19 -15.33
N SER D 78 -22.43 -14.60 -16.02
CA SER D 78 -22.39 -14.68 -17.49
C SER D 78 -22.14 -13.27 -18.04
N ASP D 79 -21.80 -13.23 -19.32
CA ASP D 79 -21.54 -11.97 -20.01
C ASP D 79 -22.78 -11.10 -19.98
N GLU D 80 -23.93 -11.71 -20.24
CA GLU D 80 -25.20 -10.97 -20.23
C GLU D 80 -25.57 -10.43 -18.86
N TYR D 81 -25.35 -11.27 -17.82
CA TYR D 81 -25.69 -10.85 -16.44
C TYR D 81 -24.78 -9.71 -16.02
N THR D 82 -23.49 -9.87 -16.35
CA THR D 82 -22.47 -8.88 -16.06
C THR D 82 -22.84 -7.48 -16.61
N GLN D 83 -23.22 -7.43 -17.89
CA GLN D 83 -23.56 -6.19 -18.58
C GLN D 83 -24.85 -5.62 -18.05
N ASN D 84 -25.84 -6.48 -17.84
CA ASN D 84 -27.13 -6.02 -17.42
C ASN D 84 -27.07 -5.35 -16.05
N VAL D 85 -26.30 -5.88 -15.08
CA VAL D 85 -26.31 -5.25 -13.77
C VAL D 85 -25.66 -3.81 -13.83
N LEU D 86 -24.74 -3.60 -14.78
CA LEU D 86 -24.10 -2.26 -14.94
C LEU D 86 -25.02 -1.17 -15.46
N LYS D 87 -26.16 -1.57 -16.05
CA LYS D 87 -27.20 -0.66 -16.52
C LYS D 87 -28.05 -0.10 -15.39
N ILE D 88 -27.92 -0.67 -14.20
CA ILE D 88 -28.63 -0.19 -13.02
C ILE D 88 -27.65 0.79 -12.30
N ASP D 89 -28.03 2.04 -12.19
CA ASP D 89 -27.13 3.11 -11.71
C ASP D 89 -27.46 3.58 -10.29
N GLU D 90 -28.65 3.22 -9.79
CA GLU D 90 -29.11 3.37 -8.41
C GLU D 90 -29.77 2.06 -7.94
N THR D 91 -29.92 1.96 -6.64
CA THR D 91 -30.47 0.80 -6.05
C THR D 91 -31.80 0.42 -6.73
N LEU D 92 -31.94 -0.83 -7.14
CA LEU D 92 -33.18 -1.35 -7.71
C LEU D 92 -33.74 -2.35 -6.72
N GLU D 93 -34.85 -2.06 -6.03
CA GLU D 93 -35.31 -2.97 -4.95
C GLU D 93 -36.55 -3.77 -5.33
N ASN D 94 -36.59 -5.01 -4.85
CA ASN D 94 -37.79 -5.80 -5.01
C ASN D 94 -38.21 -6.01 -6.47
N LEU D 95 -37.22 -6.26 -7.33
CA LEU D 95 -37.44 -6.83 -8.64
C LEU D 95 -38.16 -8.21 -8.42
N ASN D 96 -39.21 -8.42 -9.20
CA ASN D 96 -40.25 -9.50 -9.07
C ASN D 96 -41.25 -9.27 -10.26
N GLY D 97 -42.01 -10.18 -10.76
CA GLY D 97 -41.65 -11.51 -11.04
C GLY D 97 -41.15 -11.39 -12.48
N GLU D 98 -42.04 -11.19 -13.45
CA GLU D 98 -41.60 -11.15 -14.86
C GLU D 98 -40.59 -10.04 -15.20
N LYS D 99 -40.72 -8.88 -14.54
CA LYS D 99 -39.74 -7.76 -14.65
C LYS D 99 -38.27 -8.22 -14.41
N ILE D 100 -38.08 -9.27 -13.60
CA ILE D 100 -36.75 -9.87 -13.34
C ILE D 100 -36.06 -10.27 -14.65
N LEU D 101 -36.86 -10.74 -15.61
CA LEU D 101 -36.30 -11.18 -16.87
C LEU D 101 -35.68 -10.04 -17.71
N GLU D 102 -36.08 -8.78 -17.47
CA GLU D 102 -35.43 -7.61 -18.12
C GLU D 102 -33.93 -7.52 -17.82
N ILE D 103 -33.58 -7.91 -16.61
CA ILE D 103 -32.22 -7.84 -16.12
C ILE D 103 -31.52 -9.23 -16.10
N PHE D 104 -32.26 -10.25 -15.68
CA PHE D 104 -31.68 -11.58 -15.52
C PHE D 104 -32.56 -12.50 -16.37
N PRO D 105 -32.28 -12.60 -17.69
CA PRO D 105 -33.16 -13.38 -18.60
C PRO D 105 -33.29 -14.88 -18.33
N GLU D 106 -32.44 -15.47 -17.50
CA GLU D 106 -32.45 -16.97 -17.37
C GLU D 106 -33.20 -17.41 -16.12
N GLU D 107 -34.04 -16.53 -15.55
CA GLU D 107 -34.70 -16.79 -14.29
C GLU D 107 -36.09 -17.43 -14.39
N HIS D 108 -36.34 -18.25 -15.43
CA HIS D 108 -37.75 -18.64 -15.77
C HIS D 108 -38.45 -19.61 -14.77
N GLY D 109 -37.71 -20.18 -13.83
CA GLY D 109 -38.34 -20.94 -12.69
C GLY D 109 -38.35 -20.24 -11.31
N ARG D 110 -37.86 -19.00 -11.29
CA ARG D 110 -37.53 -18.32 -10.05
C ARG D 110 -38.17 -16.92 -10.04
N LEU D 111 -39.34 -16.75 -10.66
CA LEU D 111 -39.93 -15.38 -10.81
C LEU D 111 -40.77 -14.92 -9.61
N GLN D 112 -40.95 -15.77 -8.60
CA GLN D 112 -41.64 -15.41 -7.35
C GLN D 112 -40.69 -14.68 -6.37
N LYS D 113 -39.41 -14.63 -6.70
CA LYS D 113 -38.38 -14.18 -5.78
C LYS D 113 -38.35 -12.65 -5.82
N TYR D 114 -37.84 -12.10 -4.74
CA TYR D 114 -37.54 -10.64 -4.62
C TYR D 114 -36.06 -10.46 -4.71
N THR D 115 -35.62 -9.62 -5.63
CA THR D 115 -34.23 -9.42 -5.87
C THR D 115 -33.95 -7.90 -5.79
N THR D 116 -32.91 -7.54 -5.04
CA THR D 116 -32.43 -6.15 -4.93
C THR D 116 -30.98 -6.10 -5.47
N VAL D 117 -30.70 -5.03 -6.23
CA VAL D 117 -29.41 -4.84 -6.93
C VAL D 117 -28.89 -3.45 -6.46
N VAL D 118 -27.72 -3.46 -5.87
CA VAL D 118 -27.10 -2.34 -5.27
C VAL D 118 -25.78 -2.06 -5.98
N PRO D 119 -25.67 -0.91 -6.65
CA PRO D 119 -24.33 -0.57 -7.21
C PRO D 119 -23.26 -0.43 -6.15
N ILE D 120 -22.05 -0.93 -6.44
CA ILE D 120 -20.91 -0.78 -5.59
C ILE D 120 -20.05 0.30 -6.21
N LEU D 121 -19.88 1.38 -5.48
CA LEU D 121 -19.15 2.52 -5.92
C LEU D 121 -18.03 2.81 -4.96
N GLY D 122 -16.89 3.20 -5.49
CA GLY D 122 -15.71 3.60 -4.73
C GLY D 122 -15.12 4.84 -5.40
N SER D 123 -14.86 5.86 -4.63
CA SER D 123 -14.33 7.12 -5.26
C SER D 123 -15.21 7.61 -6.45
N GLY D 124 -16.52 7.47 -6.26
CA GLY D 124 -17.52 7.85 -7.25
C GLY D 124 -17.48 7.04 -8.53
N GLN D 125 -16.81 5.89 -8.54
CA GLN D 125 -16.66 5.07 -9.74
C GLN D 125 -17.44 3.75 -9.53
N ARG D 126 -18.02 3.21 -10.58
CA ARG D 126 -18.71 1.93 -10.53
C ARG D 126 -17.72 0.75 -10.49
N LEU D 127 -17.58 0.11 -9.32
CA LEU D 127 -16.55 -0.96 -9.12
C LEU D 127 -17.13 -2.40 -9.12
N GLY D 128 -18.42 -2.49 -8.97
CA GLY D 128 -19.10 -3.85 -8.87
C GLY D 128 -20.54 -3.69 -8.51
N THR D 129 -21.17 -4.78 -8.11
CA THR D 129 -22.59 -4.77 -7.82
C THR D 129 -22.84 -5.78 -6.72
N LEU D 130 -23.72 -5.42 -5.81
CA LEU D 130 -24.25 -6.34 -4.82
C LEU D 130 -25.66 -6.79 -5.20
N VAL D 131 -25.85 -8.14 -5.27
CA VAL D 131 -27.14 -8.71 -5.67
C VAL D 131 -27.62 -9.54 -4.51
N LEU D 132 -28.85 -9.33 -4.09
CA LEU D 132 -29.49 -10.04 -2.95
C LEU D 132 -30.81 -10.55 -3.46
N SER D 133 -31.13 -11.79 -3.13
CA SER D 133 -32.39 -12.35 -3.59
C SER D 133 -32.91 -13.43 -2.65
N ARG D 134 -34.21 -13.40 -2.40
CA ARG D 134 -34.89 -14.34 -1.48
C ARG D 134 -36.34 -14.55 -1.85
N TYR D 135 -36.92 -15.58 -1.24
CA TYR D 135 -38.28 -15.91 -1.42
C TYR D 135 -39.08 -15.26 -0.33
N SER D 136 -40.38 -15.17 -0.68
CA SER D 136 -41.47 -14.90 0.26
CA SER D 136 -41.46 -14.90 0.27
C SER D 136 -41.60 -13.43 0.69
N ASN D 137 -40.52 -12.81 1.11
CA ASN D 137 -40.61 -11.47 1.80
C ASN D 137 -39.90 -10.41 1.01
N SER D 138 -40.64 -9.41 0.62
CA SER D 138 -39.98 -8.21 0.00
C SER D 138 -38.97 -7.62 0.99
N PHE D 139 -37.96 -7.00 0.48
CA PHE D 139 -36.97 -6.19 1.26
C PHE D 139 -37.59 -4.87 1.70
N ASN D 140 -37.28 -4.40 2.91
CA ASN D 140 -37.81 -3.06 3.33
C ASN D 140 -36.65 -2.11 3.45
N ASP D 141 -36.91 -0.92 3.98
CA ASP D 141 -35.88 0.10 4.00
C ASP D 141 -34.71 -0.19 4.97
N ASP D 142 -35.01 -0.90 6.07
CA ASP D 142 -34.02 -1.37 7.01
C ASP D 142 -33.08 -2.32 6.32
N ASP D 143 -33.63 -3.23 5.50
CA ASP D 143 -32.77 -4.09 4.70
C ASP D 143 -31.89 -3.32 3.71
N LEU D 144 -32.46 -2.23 3.15
CA LEU D 144 -31.67 -1.37 2.23
C LEU D 144 -30.58 -0.63 2.94
N VAL D 145 -30.82 -0.20 4.18
CA VAL D 145 -29.71 0.33 4.99
C VAL D 145 -28.53 -0.62 5.04
N ILE D 146 -28.82 -1.87 5.41
CA ILE D 146 -27.75 -2.79 5.57
C ILE D 146 -27.06 -3.09 4.25
N ALA D 147 -27.83 -3.27 3.21
CA ALA D 147 -27.32 -3.57 1.88
C ALA D 147 -26.49 -2.45 1.35
N GLU D 148 -26.99 -1.22 1.52
CA GLU D 148 -26.28 -0.05 0.93
C GLU D 148 -25.03 0.28 1.65
N TYR D 149 -25.03 0.22 3.00
CA TYR D 149 -23.73 0.44 3.64
C TYR D 149 -22.74 -0.75 3.42
N SER D 150 -23.25 -1.98 3.32
CA SER D 150 -22.34 -3.05 3.00
C SER D 150 -21.68 -2.83 1.62
N ALA D 151 -22.47 -2.47 0.62
CA ALA D 151 -21.94 -2.20 -0.70
C ALA D 151 -20.92 -1.09 -0.65
N THR D 152 -21.19 -0.07 0.17
CA THR D 152 -20.21 1.09 0.26
C THR D 152 -18.87 0.62 0.83
N VAL D 153 -18.96 -0.27 1.81
CA VAL D 153 -17.80 -0.90 2.40
C VAL D 153 -16.99 -1.73 1.38
N VAL D 154 -17.68 -2.60 0.63
CA VAL D 154 -16.98 -3.27 -0.48
C VAL D 154 -16.25 -2.28 -1.37
N GLY D 155 -16.91 -1.21 -1.74
CA GLY D 155 -16.32 -0.16 -2.54
C GLY D 155 -15.03 0.43 -1.97
N LEU D 156 -15.03 0.66 -0.67
CA LEU D 156 -13.83 1.13 0.00
C LEU D 156 -12.67 0.14 0.00
N GLU D 157 -13.03 -1.15 -0.04
CA GLU D 157 -12.03 -2.20 0.05
CA GLU D 157 -12.02 -2.21 0.03
C GLU D 157 -11.48 -2.59 -1.30
N ILE D 158 -12.18 -2.31 -2.38
CA ILE D 158 -11.73 -2.65 -3.72
C ILE D 158 -11.03 -1.43 -4.34
N LEU D 159 -11.56 -0.22 -4.08
CA LEU D 159 -11.00 1.09 -4.53
C LEU D 159 -9.50 1.10 -4.36
N MET E 4 -34.27 -3.51 24.60
CA MET E 4 -34.01 -4.29 23.32
C MET E 4 -33.76 -3.40 22.09
N ALA E 5 -32.69 -3.73 21.36
CA ALA E 5 -32.32 -2.94 20.20
C ALA E 5 -33.27 -3.29 19.09
N SER E 6 -33.57 -2.30 18.26
CA SER E 6 -34.35 -2.48 17.04
C SER E 6 -33.70 -3.54 16.11
N GLU E 7 -34.55 -4.14 15.30
CA GLU E 7 -34.09 -5.18 14.38
C GLU E 7 -32.95 -4.66 13.49
N VAL E 8 -33.13 -3.48 12.93
CA VAL E 8 -32.08 -2.92 12.08
C VAL E 8 -30.76 -2.66 12.82
N LEU E 9 -30.80 -2.24 14.07
CA LEU E 9 -29.59 -2.07 14.87
C LEU E 9 -28.95 -3.42 15.24
N GLN E 10 -29.79 -4.40 15.55
CA GLN E 10 -29.27 -5.76 15.78
C GLN E 10 -28.55 -6.34 14.56
N LYS E 11 -29.14 -6.16 13.39
CA LYS E 11 -28.50 -6.66 12.15
C LYS E 11 -27.27 -5.85 11.77
N THR E 12 -27.35 -4.52 11.97
CA THR E 12 -26.16 -3.73 11.80
C THR E 12 -24.97 -4.20 12.63
N ARG E 13 -25.25 -4.46 13.90
CA ARG E 13 -24.20 -4.94 14.83
C ARG E 13 -23.61 -6.27 14.41
N LYS E 14 -24.45 -7.14 13.82
CA LYS E 14 -23.90 -8.43 13.26
C LYS E 14 -22.95 -8.17 12.12
N ILE E 15 -23.36 -7.32 11.18
CA ILE E 15 -22.51 -6.98 10.02
C ILE E 15 -21.22 -6.32 10.51
N ASN E 16 -21.34 -5.40 11.50
CA ASN E 16 -20.19 -4.69 11.96
C ASN E 16 -19.25 -5.60 12.69
N LYS E 17 -19.76 -6.61 13.44
CA LYS E 17 -18.86 -7.63 14.02
C LYS E 17 -18.03 -8.33 12.97
N THR E 18 -18.66 -8.68 11.88
CA THR E 18 -17.95 -9.30 10.74
C THR E 18 -16.87 -8.41 10.11
N LEU E 19 -17.27 -7.20 9.86
CA LEU E 19 -16.35 -6.14 9.38
C LEU E 19 -15.20 -5.78 10.34
N GLN E 20 -15.51 -5.55 11.63
CA GLN E 20 -14.45 -5.08 12.61
C GLN E 20 -13.46 -6.20 12.78
N THR E 21 -13.95 -7.42 12.59
CA THR E 21 -13.13 -8.63 12.64
C THR E 21 -12.21 -8.91 11.48
N SER E 22 -12.80 -8.88 10.28
N SER E 22 -12.76 -8.86 10.26
CA SER E 22 -12.16 -9.43 9.09
CA SER E 22 -12.04 -9.36 9.09
C SER E 22 -12.06 -8.41 8.00
C SER E 22 -12.11 -8.38 7.95
N GLY E 23 -13.25 -7.76 7.74
N GLY E 23 -13.20 -7.62 7.89
CA GLY E 23 -13.36 -6.55 6.89
CA GLY E 23 -13.44 -6.68 6.78
C GLY E 23 -13.88 -6.50 5.43
C GLY E 23 -14.50 -7.15 5.72
N GLY E 24 -15.00 -7.15 5.01
N GLY E 24 -14.30 -6.57 4.49
CA GLY E 24 -15.52 -8.51 5.42
CA GLY E 24 -12.99 -6.17 3.90
C GLY E 24 -14.91 -9.47 4.40
C GLY E 24 -12.07 -7.35 3.67
N SER E 25 -13.56 -9.37 4.44
N SER E 25 -11.24 -7.54 4.68
CA SER E 25 -12.63 -9.34 3.29
CA SER E 25 -10.21 -8.58 4.71
C SER E 25 -11.68 -10.44 3.66
C SER E 25 -10.70 -9.80 3.96
N SER E 26 -11.07 -10.99 2.68
N SER E 26 -9.78 -10.72 3.82
CA SER E 26 -10.04 -11.92 3.01
CA SER E 26 -9.94 -12.08 3.24
C SER E 26 -9.29 -12.19 1.76
C SER E 26 -9.30 -12.18 1.89
N VAL E 27 -8.10 -12.74 1.92
CA VAL E 27 -7.34 -13.05 0.80
C VAL E 27 -7.61 -14.52 0.56
N SER E 28 -7.85 -14.90 -0.65
CA SER E 28 -8.09 -16.34 -0.98
C SER E 28 -7.02 -16.84 -1.96
N PHE E 29 -6.56 -18.06 -1.75
CA PHE E 29 -5.60 -18.71 -2.62
C PHE E 29 -6.24 -19.96 -3.24
N ASP E 30 -7.54 -19.92 -3.38
CA ASP E 30 -8.25 -21.08 -4.08
C ASP E 30 -7.78 -21.30 -5.49
N LEU E 31 -7.51 -20.26 -6.30
CA LEU E 31 -7.09 -20.52 -7.65
C LEU E 31 -5.71 -21.21 -7.67
N LEU E 32 -4.77 -20.71 -6.86
CA LEU E 32 -3.48 -21.30 -6.80
C LEU E 32 -3.65 -22.82 -6.29
N ALA E 33 -4.43 -22.99 -5.24
CA ALA E 33 -4.62 -24.34 -4.62
C ALA E 33 -5.22 -25.34 -5.68
N GLY E 34 -6.12 -24.84 -6.50
CA GLY E 34 -6.71 -25.58 -7.60
C GLY E 34 -5.71 -26.00 -8.65
N ALA E 35 -4.80 -25.10 -9.02
CA ALA E 35 -3.83 -25.41 -10.01
C ALA E 35 -2.87 -26.44 -9.45
N LEU E 36 -2.45 -26.23 -8.22
CA LEU E 36 -1.52 -27.13 -7.56
C LEU E 36 -2.18 -28.52 -7.43
N GLY E 37 -3.41 -28.50 -7.00
CA GLY E 37 -4.21 -29.76 -6.76
C GLY E 37 -4.32 -30.53 -8.04
N ASP E 38 -4.55 -29.80 -9.11
CA ASP E 38 -4.62 -30.34 -10.46
C ASP E 38 -3.30 -31.00 -10.86
N VAL E 39 -2.19 -30.24 -10.88
CA VAL E 39 -0.96 -30.76 -11.36
C VAL E 39 -0.32 -31.83 -10.45
N LEU E 40 -0.61 -31.81 -9.17
CA LEU E 40 -0.14 -32.81 -8.21
C LEU E 40 -1.16 -33.92 -7.86
N SER E 41 -2.38 -33.87 -8.41
CA SER E 41 -3.52 -34.77 -8.08
C SER E 41 -3.70 -34.90 -6.56
N SER E 42 -3.73 -33.82 -5.85
CA SER E 42 -3.63 -33.79 -4.41
C SER E 42 -4.74 -32.95 -3.80
N ASN E 43 -5.00 -33.27 -2.55
CA ASN E 43 -5.64 -32.31 -1.60
C ASN E 43 -4.60 -31.24 -1.28
N VAL E 44 -5.01 -29.98 -1.36
CA VAL E 44 -4.10 -28.87 -1.10
C VAL E 44 -4.75 -27.94 -0.10
N TYR E 45 -4.03 -27.62 0.94
CA TYR E 45 -4.54 -26.70 1.99
C TYR E 45 -3.52 -25.59 2.14
N VAL E 46 -3.94 -24.35 1.96
CA VAL E 46 -3.06 -23.18 2.29
C VAL E 46 -3.61 -22.63 3.62
N VAL E 47 -2.84 -22.72 4.70
CA VAL E 47 -3.35 -22.53 6.07
C VAL E 47 -2.53 -21.43 6.70
N SER E 48 -3.20 -20.36 7.15
CA SER E 48 -2.45 -19.30 7.84
C SER E 48 -1.88 -19.83 9.16
N ALA E 49 -0.94 -19.10 9.69
CA ALA E 49 -0.33 -19.40 10.96
C ALA E 49 -1.34 -19.65 12.08
N LYS E 50 -2.43 -18.91 12.07
CA LYS E 50 -3.46 -19.06 13.08
C LYS E 50 -4.54 -20.07 12.75
N GLY E 51 -4.35 -20.83 11.65
CA GLY E 51 -5.19 -21.98 11.34
C GLY E 51 -6.23 -21.73 10.32
N LYS E 52 -6.32 -20.52 9.75
CA LYS E 52 -7.41 -20.27 8.80
C LYS E 52 -7.06 -20.89 7.44
N VAL E 53 -8.04 -21.51 6.84
CA VAL E 53 -7.82 -22.11 5.52
C VAL E 53 -8.05 -21.06 4.48
N LEU E 54 -6.96 -20.55 3.91
CA LEU E 54 -7.05 -19.44 2.92
C LEU E 54 -7.15 -19.94 1.52
N GLY E 55 -6.83 -21.24 1.29
CA GLY E 55 -6.92 -21.75 -0.04
C GLY E 55 -7.11 -23.27 0.10
N LEU E 56 -7.96 -23.79 -0.78
CA LEU E 56 -8.36 -25.24 -0.62
C LEU E 56 -8.58 -25.77 -1.97
N HIS E 57 -8.10 -27.08 -2.18
CA HIS E 57 -8.55 -27.83 -3.32
C HIS E 57 -8.65 -29.29 -2.78
N LEU E 58 -9.75 -29.99 -3.10
CA LEU E 58 -9.90 -31.38 -2.67
C LEU E 58 -9.97 -32.26 -3.89
N ASN E 59 -8.91 -33.05 -4.08
CA ASN E 59 -8.94 -34.12 -5.04
C ASN E 59 -9.75 -35.31 -4.47
N ASP E 60 -9.68 -35.50 -3.17
CA ASP E 60 -10.28 -36.64 -2.41
C ASP E 60 -11.11 -36.04 -1.27
N VAL E 61 -12.34 -35.69 -1.62
CA VAL E 61 -13.21 -34.83 -0.78
C VAL E 61 -13.46 -35.45 0.58
N GLN E 62 -13.64 -36.79 0.64
CA GLN E 62 -13.92 -37.44 1.92
C GLN E 62 -12.77 -37.36 2.92
N ASP E 63 -11.55 -37.05 2.46
CA ASP E 63 -10.38 -36.94 3.33
C ASP E 63 -10.12 -35.53 3.84
N SER E 64 -11.02 -34.62 3.59
CA SER E 64 -10.78 -33.21 3.96
C SER E 64 -10.61 -33.05 5.48
N SER E 65 -9.56 -32.34 5.96
CA SER E 65 -9.44 -32.08 7.35
C SER E 65 -9.94 -30.64 7.76
N VAL E 66 -10.66 -29.99 6.86
CA VAL E 66 -11.27 -28.63 7.12
C VAL E 66 -12.41 -28.75 8.11
N ILE E 67 -12.54 -27.83 9.04
CA ILE E 67 -13.69 -27.74 9.91
C ILE E 67 -14.19 -26.31 9.76
N GLU E 68 -15.50 -26.09 9.94
CA GLU E 68 -16.09 -24.74 9.90
C GLU E 68 -16.16 -24.23 11.33
N ASP E 69 -15.75 -23.00 11.58
CA ASP E 69 -15.91 -22.42 12.91
C ASP E 69 -17.39 -22.24 13.13
N GLU E 70 -17.85 -22.74 14.28
CA GLU E 70 -19.23 -22.68 14.73
C GLU E 70 -19.60 -21.22 14.83
N TYR E 71 -18.86 -20.53 15.71
CA TYR E 71 -19.12 -19.13 16.07
C TYR E 71 -18.78 -18.15 14.91
N THR E 72 -17.54 -18.15 14.40
CA THR E 72 -17.11 -17.20 13.33
C THR E 72 -17.42 -17.58 11.85
N LYS E 73 -17.76 -18.84 11.63
CA LYS E 73 -18.07 -19.36 10.29
C LYS E 73 -16.91 -19.66 9.33
N GLN E 74 -15.69 -19.42 9.76
CA GLN E 74 -14.56 -19.60 8.86
C GLN E 74 -14.04 -21.05 8.72
N LYS E 75 -13.55 -21.40 7.55
CA LYS E 75 -12.82 -22.65 7.33
C LYS E 75 -11.47 -22.59 8.03
N LYS E 76 -11.14 -23.65 8.78
CA LYS E 76 -9.92 -23.69 9.57
C LYS E 76 -9.47 -25.14 9.75
N PHE E 77 -8.26 -25.28 10.26
CA PHE E 77 -7.80 -26.50 10.92
C PHE E 77 -8.10 -26.41 12.39
N SER E 78 -8.19 -27.56 13.04
CA SER E 78 -8.37 -27.60 14.48
C SER E 78 -7.20 -26.95 15.19
N ASP E 79 -7.37 -26.59 16.44
CA ASP E 79 -6.24 -26.03 17.24
C ASP E 79 -5.03 -26.97 17.16
N GLU E 80 -5.28 -28.24 17.39
CA GLU E 80 -4.24 -29.24 17.38
C GLU E 80 -3.47 -29.30 16.07
N TYR E 81 -4.21 -29.42 14.95
CA TYR E 81 -3.62 -29.43 13.60
C TYR E 81 -2.86 -28.11 13.34
N THR E 82 -3.46 -26.98 13.71
CA THR E 82 -2.86 -25.65 13.55
C THR E 82 -1.51 -25.57 14.24
N GLN E 83 -1.47 -25.97 15.50
CA GLN E 83 -0.26 -25.97 16.29
C GLN E 83 0.73 -27.02 15.78
N ASN E 84 0.26 -28.19 15.33
CA ASN E 84 1.20 -29.17 14.89
C ASN E 84 1.95 -28.80 13.64
N VAL E 85 1.28 -28.19 12.68
CA VAL E 85 2.00 -27.80 11.42
C VAL E 85 3.05 -26.70 11.68
N LEU E 86 2.88 -25.90 12.73
CA LEU E 86 3.89 -24.90 13.07
C LEU E 86 5.16 -25.47 13.66
N LYS E 87 5.13 -26.69 14.15
CA LYS E 87 6.31 -27.33 14.67
C LYS E 87 7.23 -27.79 13.57
N ILE E 88 6.74 -27.84 12.34
CA ILE E 88 7.52 -28.29 11.20
C ILE E 88 8.12 -27.06 10.59
N ASP E 89 9.46 -26.97 10.65
CA ASP E 89 10.25 -25.76 10.31
C ASP E 89 11.00 -25.89 9.00
N GLU E 90 10.91 -27.05 8.36
CA GLU E 90 11.43 -27.28 7.02
C GLU E 90 10.47 -28.22 6.34
N THR E 91 10.63 -28.31 5.03
CA THR E 91 9.79 -29.23 4.25
C THR E 91 9.89 -30.63 4.78
N LEU E 92 8.74 -31.27 4.98
CA LEU E 92 8.64 -32.64 5.51
C LEU E 92 7.95 -33.35 4.40
N GLU E 93 8.67 -34.19 3.68
CA GLU E 93 8.01 -34.83 2.53
C GLU E 93 7.60 -36.27 2.86
N ASN E 94 6.48 -36.69 2.26
CA ASN E 94 6.03 -38.12 2.22
C ASN E 94 5.89 -38.73 3.58
N LEU E 95 5.20 -37.97 4.40
CA LEU E 95 4.74 -38.42 5.68
C LEU E 95 3.71 -39.54 5.32
N ASN E 96 3.89 -40.63 6.04
CA ASN E 96 3.36 -42.01 5.73
C ASN E 96 3.86 -42.94 6.86
N GLY E 97 3.25 -44.08 7.18
CA GLY E 97 1.86 -44.24 7.39
C GLY E 97 1.68 -43.83 8.87
N GLU E 98 2.30 -44.54 9.83
CA GLU E 98 2.09 -44.22 11.26
C GLU E 98 2.82 -42.93 11.77
N LYS E 99 3.94 -42.54 11.18
CA LYS E 99 4.47 -41.14 11.44
C LYS E 99 3.49 -39.94 11.19
N ILE E 100 2.58 -40.10 10.24
CA ILE E 100 1.47 -39.13 9.99
C ILE E 100 0.73 -38.75 11.26
N LEU E 101 0.55 -39.74 12.13
CA LEU E 101 -0.22 -39.56 13.37
C LEU E 101 0.41 -38.62 14.39
N GLU E 102 1.73 -38.46 14.35
CA GLU E 102 2.41 -37.46 15.18
C GLU E 102 1.91 -36.09 14.89
N ILE E 103 1.66 -35.79 13.62
CA ILE E 103 1.29 -34.43 13.18
C ILE E 103 -0.23 -34.30 13.02
N PHE E 104 -0.85 -35.31 12.42
CA PHE E 104 -2.25 -35.30 12.14
C PHE E 104 -2.89 -36.54 12.81
N PRO E 105 -3.14 -36.50 14.13
CA PRO E 105 -3.64 -37.67 14.87
C PRO E 105 -5.00 -38.22 14.43
N GLU E 106 -5.78 -37.47 13.69
CA GLU E 106 -7.11 -37.95 13.31
C GLU E 106 -7.06 -38.69 11.99
N GLU E 107 -5.88 -39.11 11.58
CA GLU E 107 -5.70 -39.82 10.33
C GLU E 107 -5.75 -41.38 10.36
N HIS E 108 -6.32 -41.98 11.38
CA HIS E 108 -6.50 -43.48 11.47
C HIS E 108 -6.79 -44.31 10.22
N GLY E 109 -7.60 -43.81 9.31
CA GLY E 109 -7.94 -44.54 8.13
C GLY E 109 -7.12 -44.17 6.95
N ARG E 110 -6.48 -43.01 7.02
CA ARG E 110 -5.66 -42.64 5.88
C ARG E 110 -4.15 -42.56 6.07
N LEU E 111 -3.56 -43.62 6.64
CA LEU E 111 -2.08 -43.76 6.79
C LEU E 111 -1.43 -44.34 5.52
N GLN E 112 -2.28 -44.61 4.57
CA GLN E 112 -2.13 -45.14 3.28
C GLN E 112 -2.07 -44.01 2.27
N LYS E 113 -1.64 -42.81 2.68
CA LYS E 113 -1.48 -41.66 1.79
C LYS E 113 -0.09 -41.11 1.93
N TYR E 114 0.31 -40.22 1.02
CA TYR E 114 1.61 -39.57 1.13
C TYR E 114 1.23 -38.10 1.36
N THR E 115 1.79 -37.53 2.39
CA THR E 115 1.45 -36.15 2.75
C THR E 115 2.76 -35.32 2.89
N THR E 116 2.77 -34.10 2.32
CA THR E 116 3.95 -33.25 2.38
C THR E 116 3.53 -31.92 3.01
N VAL E 117 4.38 -31.38 3.89
CA VAL E 117 4.10 -30.15 4.65
C VAL E 117 5.23 -29.17 4.32
N VAL E 118 4.84 -27.96 3.85
CA VAL E 118 5.81 -27.00 3.40
C VAL E 118 5.51 -25.64 4.16
N PRO E 119 6.47 -25.19 4.96
CA PRO E 119 6.31 -23.90 5.62
C PRO E 119 6.19 -22.80 4.59
N ILE E 120 5.28 -21.85 4.87
CA ILE E 120 5.13 -20.64 4.06
C ILE E 120 5.80 -19.47 4.84
N LEU E 121 6.87 -18.93 4.25
CA LEU E 121 7.69 -17.88 4.88
C LEU E 121 7.58 -16.63 4.01
N GLY E 122 7.54 -15.47 4.65
CA GLY E 122 7.61 -14.21 3.90
C GLY E 122 8.48 -13.31 4.76
N SER E 123 9.55 -12.73 4.16
CA SER E 123 10.56 -11.88 4.90
C SER E 123 11.10 -12.69 6.08
N GLY E 124 11.47 -13.94 5.78
CA GLY E 124 11.90 -14.96 6.77
C GLY E 124 11.07 -15.20 8.02
N GLN E 125 9.77 -14.83 7.98
CA GLN E 125 8.87 -15.06 9.08
C GLN E 125 7.86 -16.12 8.63
N ARG E 126 7.46 -16.97 9.56
CA ARG E 126 6.46 -18.04 9.30
C ARG E 126 5.02 -17.51 9.30
N LEU E 127 4.44 -17.43 8.09
CA LEU E 127 3.11 -16.86 7.85
C LEU E 127 1.99 -17.89 7.67
N GLY E 128 2.41 -19.10 7.34
CA GLY E 128 1.43 -20.17 7.16
C GLY E 128 2.10 -21.47 6.77
N THR E 129 1.27 -22.35 6.23
CA THR E 129 1.73 -23.71 5.91
C THR E 129 0.93 -24.23 4.69
N LEU E 130 1.64 -24.92 3.79
CA LEU E 130 1.04 -25.52 2.61
C LEU E 130 1.08 -27.06 2.92
N VAL E 131 -0.09 -27.66 2.87
CA VAL E 131 -0.22 -29.16 3.14
C VAL E 131 -0.74 -29.77 1.88
N LEU E 132 -0.07 -30.86 1.43
CA LEU E 132 -0.46 -31.52 0.20
C LEU E 132 -0.58 -33.05 0.52
N SER E 133 -1.62 -33.67 0.00
CA SER E 133 -1.77 -35.13 0.32
C SER E 133 -2.38 -35.85 -0.84
N ARG E 134 -1.89 -37.05 -1.09
CA ARG E 134 -2.44 -37.82 -2.20
C ARG E 134 -2.23 -39.30 -2.00
N TYR E 135 -2.93 -40.03 -2.85
CA TYR E 135 -2.76 -41.53 -2.84
C TYR E 135 -1.71 -41.99 -3.78
N SER E 136 -1.15 -43.17 -3.45
CA SER E 136 -0.49 -44.05 -4.42
CA SER E 136 -0.46 -44.06 -4.39
C SER E 136 0.97 -43.69 -4.74
N ASN E 137 1.25 -42.43 -5.03
CA ASN E 137 2.56 -41.98 -5.46
C ASN E 137 3.13 -40.98 -4.49
N SER E 138 4.33 -41.29 -4.02
CA SER E 138 5.08 -40.40 -3.17
C SER E 138 5.41 -39.19 -4.00
N PHE E 139 5.63 -38.10 -3.28
CA PHE E 139 6.13 -36.85 -3.95
C PHE E 139 7.62 -36.99 -4.23
N ASN E 140 8.09 -36.48 -5.35
CA ASN E 140 9.46 -36.52 -5.69
C ASN E 140 9.99 -35.05 -5.70
N ASP E 141 11.21 -34.90 -6.04
CA ASP E 141 11.89 -33.52 -6.01
C ASP E 141 11.31 -32.61 -6.98
N ASP E 142 10.82 -33.05 -8.13
CA ASP E 142 10.10 -32.15 -9.09
C ASP E 142 8.81 -31.65 -8.46
N ASP E 143 8.08 -32.53 -7.76
CA ASP E 143 6.91 -32.13 -7.03
C ASP E 143 7.26 -31.05 -5.93
N LEU E 144 8.38 -31.25 -5.28
CA LEU E 144 8.78 -30.35 -4.21
C LEU E 144 9.15 -28.98 -4.83
N VAL E 145 9.73 -28.98 -6.00
CA VAL E 145 10.03 -27.65 -6.64
C VAL E 145 8.76 -26.89 -6.78
N ILE E 146 7.71 -27.55 -7.27
CA ILE E 146 6.43 -26.91 -7.52
C ILE E 146 5.78 -26.43 -6.24
N ALA E 147 5.81 -27.30 -5.26
CA ALA E 147 5.22 -27.02 -4.02
C ALA E 147 5.94 -25.87 -3.27
N GLU E 148 7.27 -25.89 -3.29
CA GLU E 148 8.10 -24.87 -2.50
C GLU E 148 8.02 -23.51 -3.21
N TYR E 149 7.99 -23.51 -4.52
CA TYR E 149 7.81 -22.15 -5.15
C TYR E 149 6.42 -21.63 -4.99
N SER E 150 5.40 -22.49 -5.01
CA SER E 150 4.09 -22.10 -4.73
C SER E 150 3.96 -21.54 -3.30
N ALA E 151 4.52 -22.21 -2.31
CA ALA E 151 4.48 -21.74 -0.92
C ALA E 151 5.21 -20.34 -0.86
N THR E 152 6.29 -20.21 -1.55
CA THR E 152 7.05 -18.97 -1.60
C THR E 152 6.17 -17.82 -2.14
N VAL E 153 5.43 -18.08 -3.19
CA VAL E 153 4.50 -17.13 -3.74
C VAL E 153 3.41 -16.75 -2.74
N VAL E 154 2.81 -17.71 -2.05
CA VAL E 154 1.81 -17.41 -1.04
C VAL E 154 2.44 -16.42 0.00
N GLY E 155 3.65 -16.69 0.43
CA GLY E 155 4.29 -15.86 1.41
C GLY E 155 4.55 -14.45 0.89
N LEU E 156 4.80 -14.34 -0.38
CA LEU E 156 4.93 -12.99 -1.02
C LEU E 156 3.62 -12.25 -1.01
N GLU E 157 2.50 -12.96 -0.98
CA GLU E 157 1.18 -12.35 -1.16
CA GLU E 157 1.17 -12.34 -1.16
C GLU E 157 0.41 -12.13 0.14
N ILE E 158 0.89 -12.73 1.23
CA ILE E 158 0.35 -12.49 2.57
C ILE E 158 1.11 -11.34 3.25
N LEU E 159 2.42 -11.39 3.07
CA LEU E 159 3.45 -10.58 3.72
C LEU E 159 3.01 -9.12 3.84
N MET F 4 19.61 36.16 -10.98
CA MET F 4 20.05 34.71 -10.87
C MET F 4 19.88 34.10 -9.49
N ALA F 5 19.37 32.86 -9.49
CA ALA F 5 19.09 32.14 -8.27
C ALA F 5 20.39 31.86 -7.59
N SER F 6 20.39 31.91 -6.25
CA SER F 6 21.57 31.60 -5.47
C SER F 6 21.94 30.12 -5.77
N GLU F 7 23.18 29.78 -5.50
CA GLU F 7 23.70 28.42 -5.82
C GLU F 7 22.97 27.35 -5.05
N VAL F 8 22.72 27.57 -3.78
CA VAL F 8 21.89 26.63 -2.99
C VAL F 8 20.49 26.41 -3.57
N LEU F 9 19.84 27.45 -4.04
CA LEU F 9 18.60 27.31 -4.69
C LEU F 9 18.69 26.50 -5.99
N GLN F 10 19.72 26.73 -6.78
CA GLN F 10 19.87 26.05 -8.08
C GLN F 10 20.09 24.52 -7.84
N LYS F 11 20.90 24.24 -6.86
CA LYS F 11 21.21 22.82 -6.49
C LYS F 11 19.97 22.17 -5.86
N THR F 12 19.23 22.88 -4.99
CA THR F 12 17.93 22.42 -4.49
C THR F 12 16.97 22.09 -5.67
N ARG F 13 16.92 22.95 -6.68
CA ARG F 13 16.05 22.75 -7.79
C ARG F 13 16.46 21.52 -8.60
N LYS F 14 17.75 21.24 -8.73
CA LYS F 14 18.25 19.99 -9.42
C LYS F 14 17.82 18.74 -8.63
N ILE F 15 18.03 18.76 -7.33
CA ILE F 15 17.61 17.61 -6.49
C ILE F 15 16.13 17.45 -6.60
N ASN F 16 15.37 18.57 -6.49
CA ASN F 16 13.92 18.46 -6.54
C ASN F 16 13.37 17.89 -7.87
N LYS F 17 14.09 18.08 -8.99
CA LYS F 17 13.66 17.68 -10.30
C LYS F 17 13.81 16.16 -10.32
N THR F 18 14.85 15.68 -9.71
CA THR F 18 14.97 14.20 -9.54
C THR F 18 13.84 13.65 -8.62
N LEU F 19 13.57 14.29 -7.48
CA LEU F 19 12.52 13.85 -6.56
C LEU F 19 11.11 13.94 -7.13
N GLN F 20 10.81 15.05 -7.80
CA GLN F 20 9.55 15.22 -8.55
C GLN F 20 9.33 14.14 -9.62
N THR F 21 10.41 13.65 -10.17
CA THR F 21 10.32 12.68 -11.29
C THR F 21 10.15 11.28 -10.76
N SER F 22 11.06 10.86 -9.89
N SER F 22 11.01 10.88 -9.85
CA SER F 22 11.21 9.40 -9.59
CA SER F 22 10.84 9.54 -9.22
C SER F 22 11.19 9.17 -8.08
C SER F 22 10.36 9.69 -7.76
N GLY F 23 11.66 10.17 -7.29
N GLY F 23 11.28 10.24 -6.97
CA GLY F 23 11.47 10.08 -5.84
CA GLY F 23 11.37 10.00 -5.53
C GLY F 23 12.50 9.73 -4.76
C GLY F 23 12.89 9.75 -5.46
N GLY F 24 13.84 9.67 -4.87
N GLY F 24 13.40 9.05 -4.43
CA GLY F 24 14.76 9.57 -6.05
CA GLY F 24 12.67 7.99 -3.65
C GLY F 24 15.14 8.05 -6.00
C GLY F 24 12.67 6.63 -4.38
N SER F 25 14.07 7.37 -6.38
N SER F 25 11.62 6.43 -5.08
CA SER F 25 13.83 5.93 -5.95
CA SER F 25 11.57 5.20 -5.69
C SER F 25 13.50 5.11 -7.17
C SER F 25 12.54 4.89 -6.77
N SER F 26 14.00 3.87 -7.21
N SER F 26 13.17 3.73 -6.63
CA SER F 26 13.31 2.86 -8.07
CA SER F 26 13.42 2.92 -7.83
C SER F 26 13.09 1.53 -7.26
C SER F 26 13.22 1.43 -7.44
N VAL F 27 12.32 0.67 -7.93
CA VAL F 27 12.19 -0.71 -7.40
C VAL F 27 13.37 -1.44 -8.02
N SER F 28 14.11 -2.22 -7.28
CA SER F 28 15.25 -2.96 -7.82
C SER F 28 15.07 -4.46 -7.66
N PHE F 29 15.49 -5.22 -8.65
CA PHE F 29 15.47 -6.68 -8.60
C PHE F 29 16.89 -7.23 -8.65
N ASP F 30 17.87 -6.42 -8.25
CA ASP F 30 19.25 -6.90 -8.22
C ASP F 30 19.45 -8.18 -7.36
N LEU F 31 18.74 -8.32 -6.25
CA LEU F 31 18.98 -9.44 -5.38
C LEU F 31 18.47 -10.73 -6.12
N LEU F 32 17.30 -10.64 -6.75
CA LEU F 32 16.84 -11.81 -7.54
C LEU F 32 17.73 -12.11 -8.70
N ALA F 33 18.15 -11.08 -9.44
CA ALA F 33 19.03 -11.28 -10.55
C ALA F 33 20.37 -11.92 -10.14
N GLY F 34 20.88 -11.54 -8.97
CA GLY F 34 22.11 -12.06 -8.40
C GLY F 34 21.91 -13.61 -8.09
N ALA F 35 20.80 -13.90 -7.48
CA ALA F 35 20.50 -15.35 -7.12
C ALA F 35 20.38 -16.12 -8.42
N LEU F 36 19.62 -15.64 -9.37
CA LEU F 36 19.60 -16.29 -10.72
C LEU F 36 20.91 -16.42 -11.43
N GLY F 37 21.70 -15.30 -11.43
CA GLY F 37 22.93 -15.34 -12.05
C GLY F 37 23.99 -16.32 -11.47
N ASP F 38 23.86 -16.53 -10.12
CA ASP F 38 24.64 -17.45 -9.40
C ASP F 38 24.20 -18.83 -9.86
N VAL F 39 22.91 -19.17 -9.74
CA VAL F 39 22.51 -20.66 -9.97
C VAL F 39 22.42 -20.97 -11.49
N LEU F 40 22.52 -20.03 -12.36
CA LEU F 40 22.62 -20.22 -13.77
C LEU F 40 23.90 -19.81 -14.41
N SER F 41 24.85 -19.33 -13.61
CA SER F 41 26.14 -18.84 -14.11
C SER F 41 25.93 -17.91 -15.30
N SER F 42 25.03 -16.91 -15.17
CA SER F 42 24.64 -16.19 -16.39
C SER F 42 24.65 -14.68 -16.14
N ASN F 43 24.74 -13.94 -17.21
CA ASN F 43 24.27 -12.54 -17.17
C ASN F 43 22.78 -12.55 -17.09
N VAL F 44 22.19 -11.78 -16.17
CA VAL F 44 20.77 -11.68 -15.99
C VAL F 44 20.31 -10.20 -16.05
N TYR F 45 19.35 -9.96 -16.89
CA TYR F 45 18.70 -8.64 -17.03
C TYR F 45 17.22 -8.75 -16.72
N VAL F 46 16.75 -7.92 -15.75
CA VAL F 46 15.35 -7.76 -15.54
C VAL F 46 14.98 -6.42 -16.19
N VAL F 47 14.24 -6.40 -17.27
CA VAL F 47 14.00 -5.20 -18.12
C VAL F 47 12.52 -4.85 -18.15
N SER F 48 12.15 -3.65 -17.71
CA SER F 48 10.78 -3.21 -17.86
C SER F 48 10.38 -3.10 -19.32
N ALA F 49 9.07 -3.07 -19.62
CA ALA F 49 8.58 -3.02 -21.01
C ALA F 49 9.12 -1.75 -21.71
N LYS F 50 9.23 -0.69 -20.92
CA LYS F 50 9.86 0.54 -21.46
C LYS F 50 11.38 0.56 -21.56
N GLY F 51 12.07 -0.53 -21.17
CA GLY F 51 13.45 -0.64 -21.34
C GLY F 51 14.35 -0.39 -20.19
N LYS F 52 13.81 -0.02 -19.03
CA LYS F 52 14.63 0.19 -17.85
C LYS F 52 15.16 -1.11 -17.28
N VAL F 53 16.45 -1.14 -16.95
CA VAL F 53 17.09 -2.30 -16.31
C VAL F 53 16.85 -2.18 -14.81
N LEU F 54 15.88 -2.96 -14.31
CA LEU F 54 15.47 -2.99 -12.94
C LEU F 54 16.30 -3.89 -12.08
N GLY F 55 16.90 -4.91 -12.74
CA GLY F 55 17.75 -5.85 -12.01
C GLY F 55 18.80 -6.32 -12.95
N LEU F 56 19.99 -6.52 -12.42
CA LEU F 56 21.17 -6.87 -13.18
C LEU F 56 22.13 -7.71 -12.39
N HIS F 57 22.62 -8.77 -13.04
CA HIS F 57 23.79 -9.47 -12.54
C HIS F 57 24.68 -9.79 -13.72
N LEU F 58 25.96 -9.51 -13.62
CA LEU F 58 26.91 -9.78 -14.70
C LEU F 58 27.90 -10.84 -14.27
N ASN F 59 27.73 -12.09 -14.82
CA ASN F 59 28.77 -13.07 -14.75
C ASN F 59 29.94 -12.75 -15.69
N ASP F 60 29.65 -12.09 -16.83
CA ASP F 60 30.58 -11.79 -17.85
C ASP F 60 30.45 -10.24 -18.12
N VAL F 61 31.18 -9.51 -17.32
CA VAL F 61 31.08 -7.95 -17.24
C VAL F 61 31.26 -7.27 -18.61
N GLN F 62 32.19 -7.80 -19.40
CA GLN F 62 32.52 -7.24 -20.72
C GLN F 62 31.39 -7.36 -21.74
N ASP F 63 30.40 -8.23 -21.50
CA ASP F 63 29.33 -8.43 -22.41
C ASP F 63 28.04 -7.67 -22.11
N SER F 64 28.02 -6.79 -21.11
CA SER F 64 26.81 -6.11 -20.76
C SER F 64 26.27 -5.27 -21.91
N SER F 65 24.95 -5.31 -22.07
CA SER F 65 24.24 -4.48 -23.06
C SER F 65 23.61 -3.25 -22.37
N VAL F 66 23.95 -3.05 -21.10
CA VAL F 66 23.27 -1.93 -20.36
C VAL F 66 23.90 -0.62 -20.80
N ILE F 67 23.03 0.33 -21.02
CA ILE F 67 23.46 1.74 -21.33
C ILE F 67 22.82 2.65 -20.32
N GLU F 68 23.38 3.89 -20.19
CA GLU F 68 22.92 4.86 -19.16
C GLU F 68 22.14 5.92 -19.89
N ASP F 69 20.93 6.28 -19.49
CA ASP F 69 20.20 7.35 -20.17
C ASP F 69 20.95 8.62 -19.78
N GLU F 70 21.20 9.52 -20.72
CA GLU F 70 21.96 10.73 -20.45
C GLU F 70 21.20 11.71 -19.53
N TYR F 71 19.89 11.76 -19.67
CA TYR F 71 19.09 12.66 -18.87
C TYR F 71 18.46 12.15 -17.61
N THR F 72 17.87 10.97 -17.68
CA THR F 72 17.21 10.41 -16.52
C THR F 72 18.19 9.70 -15.62
N LYS F 73 19.35 9.32 -16.16
CA LYS F 73 20.49 8.56 -15.57
C LYS F 73 20.31 7.00 -15.37
N GLN F 74 19.09 6.61 -15.60
CA GLN F 74 18.65 5.25 -15.49
C GLN F 74 19.37 4.30 -16.44
N LYS F 75 19.63 3.09 -15.94
CA LYS F 75 20.22 2.02 -16.72
C LYS F 75 19.11 1.48 -17.60
N LYS F 76 19.44 1.10 -18.80
CA LYS F 76 18.43 0.74 -19.78
C LYS F 76 19.03 -0.08 -20.87
N PHE F 77 18.16 -0.69 -21.65
CA PHE F 77 18.54 -1.18 -22.95
C PHE F 77 18.31 -0.10 -23.99
N SER F 78 18.99 -0.24 -25.09
CA SER F 78 18.79 0.58 -26.28
C SER F 78 17.36 0.45 -26.78
N ASP F 79 16.93 1.45 -27.54
CA ASP F 79 15.59 1.43 -28.07
C ASP F 79 15.38 0.09 -28.87
N GLU F 80 16.35 -0.30 -29.68
CA GLU F 80 16.12 -1.48 -30.57
C GLU F 80 16.08 -2.74 -29.72
N TYR F 81 16.94 -2.84 -28.71
CA TYR F 81 16.88 -4.06 -27.78
C TYR F 81 15.57 -4.13 -27.02
N THR F 82 15.10 -2.97 -26.55
CA THR F 82 13.87 -2.82 -25.86
C THR F 82 12.73 -3.23 -26.70
N GLN F 83 12.66 -2.75 -27.96
CA GLN F 83 11.49 -3.00 -28.80
C GLN F 83 11.54 -4.53 -29.20
N ASN F 84 12.73 -5.03 -29.42
CA ASN F 84 12.85 -6.40 -29.95
C ASN F 84 12.45 -7.40 -28.93
N VAL F 85 12.79 -7.21 -27.65
CA VAL F 85 12.37 -8.23 -26.62
C VAL F 85 10.86 -8.22 -26.43
N LEU F 86 10.18 -7.10 -26.72
CA LEU F 86 8.73 -7.04 -26.62
C LEU F 86 7.96 -7.76 -27.70
N LYS F 87 8.63 -8.05 -28.78
CA LYS F 87 8.01 -8.79 -29.85
C LYS F 87 7.94 -10.26 -29.45
N ILE F 88 8.79 -10.66 -28.52
CA ILE F 88 8.87 -12.09 -28.05
C ILE F 88 7.75 -12.31 -27.04
N ASP F 89 6.77 -13.15 -27.39
CA ASP F 89 5.53 -13.37 -26.65
C ASP F 89 5.51 -14.73 -25.87
N GLU F 90 6.54 -15.56 -26.07
CA GLU F 90 6.70 -16.82 -25.36
C GLU F 90 8.16 -16.95 -25.01
N THR F 91 8.53 -17.85 -24.09
CA THR F 91 9.87 -18.05 -23.79
C THR F 91 10.62 -18.41 -25.08
N LEU F 92 11.74 -17.76 -25.32
CA LEU F 92 12.66 -18.10 -26.38
C LEU F 92 13.89 -18.71 -25.74
N GLU F 93 14.09 -20.03 -25.94
CA GLU F 93 15.19 -20.69 -25.29
C GLU F 93 16.37 -20.93 -26.20
N ASN F 94 17.54 -20.78 -25.66
CA ASN F 94 18.76 -21.07 -26.37
C ASN F 94 19.04 -20.42 -27.73
N LEU F 95 18.74 -19.13 -27.82
CA LEU F 95 19.12 -18.34 -28.96
C LEU F 95 20.63 -18.45 -29.01
N ASN F 96 21.16 -18.81 -30.16
CA ASN F 96 22.57 -19.08 -30.30
C ASN F 96 22.94 -19.00 -31.78
N GLY F 97 24.17 -18.67 -32.09
CA GLY F 97 24.61 -18.50 -33.44
C GLY F 97 24.09 -17.21 -34.07
N GLU F 98 24.02 -17.20 -35.38
CA GLU F 98 23.60 -16.00 -36.09
C GLU F 98 22.20 -15.53 -35.82
N LYS F 99 21.32 -16.45 -35.45
CA LYS F 99 19.95 -16.09 -35.13
C LYS F 99 19.87 -15.03 -34.01
N ILE F 100 20.83 -15.01 -33.10
CA ILE F 100 20.84 -14.00 -31.98
C ILE F 100 20.63 -12.65 -32.58
N LEU F 101 21.27 -12.42 -33.71
CA LEU F 101 21.26 -11.08 -34.38
C LEU F 101 19.91 -10.64 -34.82
N GLU F 102 18.96 -11.55 -35.07
CA GLU F 102 17.61 -11.14 -35.34
C GLU F 102 16.99 -10.32 -34.18
N ILE F 103 17.36 -10.64 -32.93
CA ILE F 103 16.82 -10.03 -31.74
C ILE F 103 17.76 -8.97 -31.11
N PHE F 104 19.02 -9.26 -31.07
CA PHE F 104 20.06 -8.44 -30.51
C PHE F 104 21.09 -8.19 -31.66
N PRO F 105 20.92 -7.06 -32.34
CA PRO F 105 21.84 -6.94 -33.52
C PRO F 105 23.33 -6.63 -33.25
N GLU F 106 23.70 -6.31 -31.98
CA GLU F 106 25.07 -5.86 -31.63
C GLU F 106 25.86 -6.95 -31.01
N GLU F 107 25.44 -8.21 -31.21
CA GLU F 107 26.16 -9.29 -30.53
C GLU F 107 27.26 -9.99 -31.34
N HIS F 108 27.90 -9.30 -32.26
CA HIS F 108 28.82 -9.93 -33.22
C HIS F 108 30.06 -10.64 -32.66
N GLY F 109 30.57 -10.17 -31.52
CA GLY F 109 31.69 -10.94 -30.89
C GLY F 109 31.24 -12.07 -29.99
N ARG F 110 29.93 -12.25 -29.84
CA ARG F 110 29.38 -13.04 -28.72
C ARG F 110 28.39 -14.12 -29.24
N LEU F 111 28.61 -14.64 -30.44
CA LEU F 111 27.54 -15.43 -31.07
C LEU F 111 27.61 -16.86 -30.57
N GLN F 112 28.61 -17.18 -29.78
CA GLN F 112 28.78 -18.54 -29.20
C GLN F 112 27.89 -18.72 -27.95
N LYS F 113 27.32 -17.63 -27.43
CA LYS F 113 26.56 -17.65 -26.23
C LYS F 113 25.17 -18.25 -26.46
N TYR F 114 24.58 -18.70 -25.37
CA TYR F 114 23.21 -19.11 -25.35
C TYR F 114 22.43 -18.10 -24.55
N THR F 115 21.33 -17.64 -25.13
CA THR F 115 20.46 -16.67 -24.47
C THR F 115 19.02 -17.12 -24.42
N THR F 116 18.40 -16.97 -23.29
CA THR F 116 17.02 -17.22 -23.11
C THR F 116 16.30 -15.89 -22.74
N VAL F 117 15.15 -15.71 -23.33
CA VAL F 117 14.29 -14.54 -23.18
C VAL F 117 12.95 -14.95 -22.68
N VAL F 118 12.59 -14.50 -21.49
CA VAL F 118 11.29 -14.88 -20.85
C VAL F 118 10.43 -13.61 -20.66
N PRO F 119 9.28 -13.59 -21.26
CA PRO F 119 8.26 -12.52 -20.93
C PRO F 119 7.89 -12.44 -19.48
N ILE F 120 7.82 -11.17 -18.97
CA ILE F 120 7.33 -10.98 -17.63
C ILE F 120 5.92 -10.40 -17.73
N LEU F 121 4.96 -11.16 -17.21
CA LEU F 121 3.53 -10.88 -17.27
C LEU F 121 3.01 -10.77 -15.87
N GLY F 122 2.04 -9.89 -15.73
CA GLY F 122 1.44 -9.59 -14.43
C GLY F 122 0.02 -9.30 -14.74
N SER F 123 -0.94 -10.05 -14.17
CA SER F 123 -2.37 -9.82 -14.55
C SER F 123 -2.61 -9.81 -16.08
N GLY F 124 -2.07 -10.83 -16.74
CA GLY F 124 -2.13 -11.02 -18.20
C GLY F 124 -1.65 -9.83 -19.03
N GLN F 125 -0.82 -8.96 -18.45
CA GLN F 125 -0.22 -7.83 -19.23
C GLN F 125 1.30 -7.95 -19.25
N ARG F 126 1.88 -7.47 -20.35
CA ARG F 126 3.29 -7.54 -20.56
C ARG F 126 4.01 -6.38 -19.83
N LEU F 127 4.68 -6.71 -18.76
CA LEU F 127 5.34 -5.73 -17.85
C LEU F 127 6.82 -5.59 -18.04
N GLY F 128 7.47 -6.59 -18.60
CA GLY F 128 8.84 -6.56 -18.83
C GLY F 128 9.38 -7.87 -19.36
N THR F 129 10.65 -8.07 -19.25
CA THR F 129 11.38 -9.24 -19.86
C THR F 129 12.55 -9.62 -19.05
N LEU F 130 12.72 -10.96 -18.90
CA LEU F 130 13.87 -11.50 -18.23
C LEU F 130 14.79 -12.04 -19.29
N VAL F 131 16.02 -11.64 -19.26
CA VAL F 131 17.08 -12.02 -20.24
C VAL F 131 18.22 -12.68 -19.56
N LEU F 132 18.56 -13.96 -20.01
CA LEU F 132 19.60 -14.69 -19.38
C LEU F 132 20.57 -15.16 -20.45
N SER F 133 21.84 -15.09 -20.17
CA SER F 133 22.85 -15.37 -21.18
C SER F 133 24.10 -15.91 -20.61
N ARG F 134 24.61 -17.04 -21.23
CA ARG F 134 25.84 -17.57 -20.78
C ARG F 134 26.63 -18.27 -21.87
N TYR F 135 27.89 -18.54 -21.60
CA TYR F 135 28.75 -19.27 -22.57
C TYR F 135 28.60 -20.79 -22.29
N SER F 136 28.94 -21.55 -23.29
CA SER F 136 29.35 -22.98 -23.11
CA SER F 136 29.32 -22.96 -23.12
C SER F 136 28.18 -23.96 -22.98
N ASN F 137 27.29 -23.73 -22.06
CA ASN F 137 26.16 -24.64 -21.78
C ASN F 137 24.82 -24.11 -22.19
N SER F 138 24.12 -24.82 -23.07
CA SER F 138 22.70 -24.59 -23.31
C SER F 138 21.90 -24.74 -22.01
N PHE F 139 20.78 -24.00 -21.95
CA PHE F 139 19.84 -24.05 -20.92
C PHE F 139 18.94 -25.31 -21.11
N ASN F 140 18.68 -25.96 -20.05
CA ASN F 140 17.72 -27.13 -20.10
C ASN F 140 16.42 -26.84 -19.50
N ASP F 141 15.53 -27.77 -19.40
CA ASP F 141 14.22 -27.54 -18.90
C ASP F 141 14.16 -27.19 -17.44
N ASP F 142 15.12 -27.64 -16.61
CA ASP F 142 15.10 -27.34 -15.21
C ASP F 142 15.50 -25.83 -15.12
N ASP F 143 16.41 -25.48 -15.95
CA ASP F 143 16.85 -24.02 -15.99
C ASP F 143 15.65 -23.17 -16.33
N LEU F 144 14.86 -23.61 -17.29
CA LEU F 144 13.62 -22.93 -17.65
C LEU F 144 12.60 -22.84 -16.54
N VAL F 145 12.41 -23.92 -15.75
CA VAL F 145 11.57 -23.85 -14.59
C VAL F 145 11.99 -22.63 -13.69
N ILE F 146 13.24 -22.58 -13.38
CA ILE F 146 13.77 -21.53 -12.45
C ILE F 146 13.57 -20.14 -13.07
N ALA F 147 13.90 -20.06 -14.34
CA ALA F 147 13.78 -18.73 -15.09
C ALA F 147 12.35 -18.28 -15.16
N GLU F 148 11.42 -19.17 -15.43
CA GLU F 148 10.05 -18.83 -15.63
C GLU F 148 9.35 -18.55 -14.37
N TYR F 149 9.66 -19.26 -13.29
CA TYR F 149 8.94 -18.96 -12.11
C TYR F 149 9.56 -17.59 -11.54
N SER F 150 10.86 -17.38 -11.80
CA SER F 150 11.51 -16.10 -11.36
C SER F 150 10.86 -14.96 -12.10
N ALA F 151 10.66 -15.11 -13.40
CA ALA F 151 9.95 -14.05 -14.21
C ALA F 151 8.56 -13.79 -13.70
N THR F 152 7.83 -14.89 -13.34
CA THR F 152 6.53 -14.75 -12.86
C THR F 152 6.52 -13.95 -11.53
N VAL F 153 7.48 -14.20 -10.66
CA VAL F 153 7.57 -13.49 -9.35
C VAL F 153 7.87 -11.97 -9.63
N VAL F 154 8.70 -11.72 -10.59
CA VAL F 154 8.94 -10.21 -10.94
C VAL F 154 7.59 -9.62 -11.30
N GLY F 155 6.79 -10.33 -12.12
CA GLY F 155 5.49 -9.86 -12.53
C GLY F 155 4.51 -9.59 -11.38
N LEU F 156 4.59 -10.45 -10.36
CA LEU F 156 3.77 -10.27 -9.16
C LEU F 156 4.15 -9.02 -8.38
N GLU F 157 5.41 -8.68 -8.49
CA GLU F 157 6.02 -7.58 -7.69
CA GLU F 157 5.99 -7.56 -7.70
C GLU F 157 5.97 -6.23 -8.42
N ILE F 158 5.85 -6.23 -9.71
CA ILE F 158 5.67 -4.97 -10.50
C ILE F 158 4.19 -4.64 -10.65
N LEU F 159 3.37 -5.68 -10.82
CA LEU F 159 1.91 -5.58 -10.87
C LEU F 159 1.47 -4.93 -9.58
#